data_1K9H
# 
_entry.id   1K9H 
# 
_audit_conform.dict_name       mmcif_pdbx.dic 
_audit_conform.dict_version    5.392 
_audit_conform.dict_location   http://mmcif.pdb.org/dictionaries/ascii/mmcif_pdbx.dic 
# 
loop_
_database_2.database_id 
_database_2.database_code 
_database_2.pdbx_database_accession 
_database_2.pdbx_DOI 
PDB   1K9H         pdb_00001k9h 10.2210/pdb1k9h/pdb 
RCSB  RCSB014727   ?            ?                   
WWPDB D_1000014727 ?            ?                   
# 
loop_
_pdbx_audit_revision_history.ordinal 
_pdbx_audit_revision_history.data_content_type 
_pdbx_audit_revision_history.major_revision 
_pdbx_audit_revision_history.minor_revision 
_pdbx_audit_revision_history.revision_date 
1 'Structure model' 1 0 2001-11-07 
2 'Structure model' 1 1 2008-04-27 
3 'Structure model' 1 2 2011-07-13 
4 'Structure model' 1 3 2022-02-23 
5 'Structure model' 1 4 2024-05-22 
# 
_pdbx_audit_revision_details.ordinal             1 
_pdbx_audit_revision_details.revision_ordinal    1 
_pdbx_audit_revision_details.data_content_type   'Structure model' 
_pdbx_audit_revision_details.provider            repository 
_pdbx_audit_revision_details.type                'Initial release' 
_pdbx_audit_revision_details.description         ? 
_pdbx_audit_revision_details.details             ? 
# 
loop_
_pdbx_audit_revision_group.ordinal 
_pdbx_audit_revision_group.revision_ordinal 
_pdbx_audit_revision_group.data_content_type 
_pdbx_audit_revision_group.group 
1 2 'Structure model' 'Version format compliance' 
2 3 'Structure model' 'Version format compliance' 
3 4 'Structure model' 'Data collection'           
4 4 'Structure model' 'Database references'       
5 4 'Structure model' 'Derived calculations'      
6 5 'Structure model' 'Data collection'           
# 
loop_
_pdbx_audit_revision_category.ordinal 
_pdbx_audit_revision_category.revision_ordinal 
_pdbx_audit_revision_category.data_content_type 
_pdbx_audit_revision_category.category 
1 4 'Structure model' database_2            
2 4 'Structure model' pdbx_nmr_software     
3 4 'Structure model' pdbx_struct_assembly  
4 4 'Structure model' pdbx_struct_oper_list 
5 5 'Structure model' chem_comp_atom        
6 5 'Structure model' chem_comp_bond        
# 
loop_
_pdbx_audit_revision_item.ordinal 
_pdbx_audit_revision_item.revision_ordinal 
_pdbx_audit_revision_item.data_content_type 
_pdbx_audit_revision_item.item 
1 4 'Structure model' '_database_2.pdbx_DOI'                
2 4 'Structure model' '_database_2.pdbx_database_accession' 
3 4 'Structure model' '_pdbx_nmr_software.name'             
# 
_pdbx_database_status.status_code                     REL 
_pdbx_database_status.entry_id                        1K9H 
_pdbx_database_status.recvd_initial_deposition_date   2001-10-29 
_pdbx_database_status.deposit_site                    RCSB 
_pdbx_database_status.process_site                    RCSB 
_pdbx_database_status.SG_entry                        . 
_pdbx_database_status.pdb_format_compatible           Y 
_pdbx_database_status.status_code_mr                  ? 
_pdbx_database_status.status_code_sf                  ? 
_pdbx_database_status.status_code_cs                  ? 
_pdbx_database_status.status_code_nmr_data            ? 
_pdbx_database_status.methods_development_category    ? 
# 
_pdbx_database_related.db_name        PDB 
_pdbx_database_related.db_id          1k9l 
_pdbx_database_related.details        '1k9l is the Solution structure of the DNA oligomer TATGAGCGCTCATA.' 
_pdbx_database_related.content_type   unspecified 
# 
loop_
_audit_author.name 
_audit_author.pdbx_ordinal 
'Kaluarachchi, K.' 1 
'Gorenstein, D.G.' 2 
'Luxon, B.A.'      3 
# 
_citation.id                        primary 
_citation.title                     
'How Do Proteins Recognize DNA? Solution Structure and Local Conformational Dynamics of Lac Operators by 2D NMR' 
_citation.journal_abbrev            J.Biomol.Struct.Dyn. 
_citation.journal_volume            'Conversation 11' 
_citation.page_first                123 
_citation.page_last                 133 
_citation.year                      2000 
_citation.journal_id_ASTM           JBSDD6 
_citation.country                   US 
_citation.journal_id_ISSN           0739-1102 
_citation.journal_id_CSD            0646 
_citation.book_publisher            ? 
_citation.pdbx_database_id_PubMed   -1 
_citation.pdbx_database_id_DOI      ? 
# 
loop_
_citation_author.citation_id 
_citation_author.name 
_citation_author.ordinal 
_citation_author.identifier_ORCID 
primary 'Kaluarachchi, K.' 1 ? 
primary 'Gorenstein, D.G.' 2 ? 
primary 'Luxon, B.A.'      3 ? 
# 
_entity.id                         1 
_entity.type                       polymer 
_entity.src_method                 syn 
_entity.pdbx_description           "5'-D(*TP*GP*TP*GP*AP*GP*CP*GP*CP*TP*CP*AP*CP*A)-3'" 
_entity.formula_weight             4280.792 
_entity.pdbx_number_of_molecules   2 
_entity.pdbx_ec                    ? 
_entity.pdbx_mutation              ? 
_entity.pdbx_fragment              ? 
_entity.details                    
;This sequence has been derived from the natural Lac Operator sequence by symmetrizing the minimum required length for lac repressor binding.
;
# 
_entity_poly.entity_id                      1 
_entity_poly.type                           polydeoxyribonucleotide 
_entity_poly.nstd_linkage                   no 
_entity_poly.nstd_monomer                   no 
_entity_poly.pdbx_seq_one_letter_code       '(DT)(DG)(DT)(DG)(DA)(DG)(DC)(DG)(DC)(DT)(DC)(DA)(DC)(DA)' 
_entity_poly.pdbx_seq_one_letter_code_can   TGTGAGCGCTCACA 
_entity_poly.pdbx_strand_id                 A,B 
_entity_poly.pdbx_target_identifier         ? 
# 
loop_
_entity_poly_seq.entity_id 
_entity_poly_seq.num 
_entity_poly_seq.mon_id 
_entity_poly_seq.hetero 
1 1  DT n 
1 2  DG n 
1 3  DT n 
1 4  DG n 
1 5  DA n 
1 6  DG n 
1 7  DC n 
1 8  DG n 
1 9  DC n 
1 10 DT n 
1 11 DC n 
1 12 DA n 
1 13 DC n 
1 14 DA n 
# 
loop_
_chem_comp.id 
_chem_comp.type 
_chem_comp.mon_nstd_flag 
_chem_comp.name 
_chem_comp.pdbx_synonyms 
_chem_comp.formula 
_chem_comp.formula_weight 
DA 'DNA linking' y "2'-DEOXYADENOSINE-5'-MONOPHOSPHATE" ? 'C10 H14 N5 O6 P' 331.222 
DC 'DNA linking' y "2'-DEOXYCYTIDINE-5'-MONOPHOSPHATE"  ? 'C9 H14 N3 O7 P'  307.197 
DG 'DNA linking' y "2'-DEOXYGUANOSINE-5'-MONOPHOSPHATE" ? 'C10 H14 N5 O7 P' 347.221 
DT 'DNA linking' y "THYMIDINE-5'-MONOPHOSPHATE"         ? 'C10 H15 N2 O8 P' 322.208 
# 
loop_
_pdbx_poly_seq_scheme.asym_id 
_pdbx_poly_seq_scheme.entity_id 
_pdbx_poly_seq_scheme.seq_id 
_pdbx_poly_seq_scheme.mon_id 
_pdbx_poly_seq_scheme.ndb_seq_num 
_pdbx_poly_seq_scheme.pdb_seq_num 
_pdbx_poly_seq_scheme.auth_seq_num 
_pdbx_poly_seq_scheme.pdb_mon_id 
_pdbx_poly_seq_scheme.auth_mon_id 
_pdbx_poly_seq_scheme.pdb_strand_id 
_pdbx_poly_seq_scheme.pdb_ins_code 
_pdbx_poly_seq_scheme.hetero 
A 1 1  DT 1  1  1  DT THY A . n 
A 1 2  DG 2  2  2  DG GUA A . n 
A 1 3  DT 3  3  3  DT THY A . n 
A 1 4  DG 4  4  4  DG GUA A . n 
A 1 5  DA 5  5  5  DA ADE A . n 
A 1 6  DG 6  6  6  DG GUA A . n 
A 1 7  DC 7  7  7  DC CYT A . n 
A 1 8  DG 8  8  8  DG GUA A . n 
A 1 9  DC 9  9  9  DC CYT A . n 
A 1 10 DT 10 10 10 DT THY A . n 
A 1 11 DC 11 11 11 DC CYT A . n 
A 1 12 DA 12 12 12 DA ADE A . n 
A 1 13 DC 13 13 13 DC CYT A . n 
A 1 14 DA 14 14 14 DA ADE A . n 
B 1 1  DT 1  15 15 DT THY B . n 
B 1 2  DG 2  16 16 DG GUA B . n 
B 1 3  DT 3  17 17 DT THY B . n 
B 1 4  DG 4  18 18 DG GUA B . n 
B 1 5  DA 5  19 19 DA ADE B . n 
B 1 6  DG 6  20 20 DG GUA B . n 
B 1 7  DC 7  21 21 DC CYT B . n 
B 1 8  DG 8  22 22 DG GUA B . n 
B 1 9  DC 9  23 23 DC CYT B . n 
B 1 10 DT 10 24 24 DT THY B . n 
B 1 11 DC 11 25 25 DC CYT B . n 
B 1 12 DA 12 26 26 DA ADE B . n 
B 1 13 DC 13 27 27 DC CYT B . n 
B 1 14 DA 14 28 28 DA ADE B . n 
# 
_exptl.entry_id          1K9H 
_exptl.method            'SOLUTION NMR' 
_exptl.crystals_number   ? 
# 
_exptl_crystal.id                    1 
_exptl_crystal.density_meas          ? 
_exptl_crystal.density_Matthews      ? 
_exptl_crystal.density_percent_sol   ? 
_exptl_crystal.description           ? 
# 
_diffrn.id                     1 
_diffrn.ambient_temp           ? 
_diffrn.ambient_temp_details   ? 
_diffrn.crystal_id             1 
# 
_diffrn_radiation.diffrn_id                        1 
_diffrn_radiation.wavelength_id                    1 
_diffrn_radiation.pdbx_monochromatic_or_laue_m_l   M 
_diffrn_radiation.monochromator                    ? 
_diffrn_radiation.pdbx_diffrn_protocol             'SINGLE WAVELENGTH' 
_diffrn_radiation.pdbx_scattering_type             ? 
# 
_diffrn_radiation_wavelength.id           1 
_diffrn_radiation_wavelength.wavelength   . 
_diffrn_radiation_wavelength.wt           1.0 
# 
_struct.entry_id                  1K9H 
_struct.title                     'NMR structure of DNA TGTGAGCGCTCACA' 
_struct.pdbx_model_details        ? 
_struct.pdbx_CASP_flag            ? 
_struct.pdbx_model_type_details   ? 
# 
_struct_keywords.entry_id        1K9H 
_struct_keywords.pdbx_keywords   DNA 
_struct_keywords.text            'Lac operator, Double helix, DNA' 
# 
loop_
_struct_asym.id 
_struct_asym.pdbx_blank_PDB_chainid_flag 
_struct_asym.pdbx_modified 
_struct_asym.entity_id 
_struct_asym.details 
A N N 1 ? 
B N N 1 ? 
# 
_struct_ref.id                         1 
_struct_ref.entity_id                  1 
_struct_ref.db_name                    PDB 
_struct_ref.db_code                    1K9H 
_struct_ref.pdbx_db_accession          1K9H 
_struct_ref.pdbx_db_isoform            ? 
_struct_ref.pdbx_seq_one_letter_code   ? 
_struct_ref.pdbx_align_begin           ? 
# 
loop_
_struct_ref_seq.align_id 
_struct_ref_seq.ref_id 
_struct_ref_seq.pdbx_PDB_id_code 
_struct_ref_seq.pdbx_strand_id 
_struct_ref_seq.seq_align_beg 
_struct_ref_seq.pdbx_seq_align_beg_ins_code 
_struct_ref_seq.seq_align_end 
_struct_ref_seq.pdbx_seq_align_end_ins_code 
_struct_ref_seq.pdbx_db_accession 
_struct_ref_seq.db_align_beg 
_struct_ref_seq.pdbx_db_align_beg_ins_code 
_struct_ref_seq.db_align_end 
_struct_ref_seq.pdbx_db_align_end_ins_code 
_struct_ref_seq.pdbx_auth_seq_align_beg 
_struct_ref_seq.pdbx_auth_seq_align_end 
1 1 1K9H A 1 ? 14 ? 1K9H 1  ? 14 ? 1  14 
2 1 1K9H B 1 ? 14 ? 1K9H 15 ? 28 ? 15 28 
# 
_pdbx_struct_assembly.id                   1 
_pdbx_struct_assembly.details              author_defined_assembly 
_pdbx_struct_assembly.method_details       ? 
_pdbx_struct_assembly.oligomeric_details   dimeric 
_pdbx_struct_assembly.oligomeric_count     2 
# 
_pdbx_struct_assembly_gen.assembly_id       1 
_pdbx_struct_assembly_gen.oper_expression   1 
_pdbx_struct_assembly_gen.asym_id_list      A,B 
# 
_pdbx_struct_oper_list.id                   1 
_pdbx_struct_oper_list.type                 'identity operation' 
_pdbx_struct_oper_list.name                 1_555 
_pdbx_struct_oper_list.symmetry_operation   x,y,z 
_pdbx_struct_oper_list.matrix[1][1]         1.0000000000 
_pdbx_struct_oper_list.matrix[1][2]         0.0000000000 
_pdbx_struct_oper_list.matrix[1][3]         0.0000000000 
_pdbx_struct_oper_list.vector[1]            0.0000000000 
_pdbx_struct_oper_list.matrix[2][1]         0.0000000000 
_pdbx_struct_oper_list.matrix[2][2]         1.0000000000 
_pdbx_struct_oper_list.matrix[2][3]         0.0000000000 
_pdbx_struct_oper_list.vector[2]            0.0000000000 
_pdbx_struct_oper_list.matrix[3][1]         0.0000000000 
_pdbx_struct_oper_list.matrix[3][2]         0.0000000000 
_pdbx_struct_oper_list.matrix[3][3]         1.0000000000 
_pdbx_struct_oper_list.vector[3]            0.0000000000 
# 
_struct_biol.id   1 
# 
loop_
_struct_conn.id 
_struct_conn.conn_type_id 
_struct_conn.pdbx_leaving_atom_flag 
_struct_conn.pdbx_PDB_id 
_struct_conn.ptnr1_label_asym_id 
_struct_conn.ptnr1_label_comp_id 
_struct_conn.ptnr1_label_seq_id 
_struct_conn.ptnr1_label_atom_id 
_struct_conn.pdbx_ptnr1_label_alt_id 
_struct_conn.pdbx_ptnr1_PDB_ins_code 
_struct_conn.pdbx_ptnr1_standard_comp_id 
_struct_conn.ptnr1_symmetry 
_struct_conn.ptnr2_label_asym_id 
_struct_conn.ptnr2_label_comp_id 
_struct_conn.ptnr2_label_seq_id 
_struct_conn.ptnr2_label_atom_id 
_struct_conn.pdbx_ptnr2_label_alt_id 
_struct_conn.pdbx_ptnr2_PDB_ins_code 
_struct_conn.ptnr1_auth_asym_id 
_struct_conn.ptnr1_auth_comp_id 
_struct_conn.ptnr1_auth_seq_id 
_struct_conn.ptnr2_auth_asym_id 
_struct_conn.ptnr2_auth_comp_id 
_struct_conn.ptnr2_auth_seq_id 
_struct_conn.ptnr2_symmetry 
_struct_conn.pdbx_ptnr3_label_atom_id 
_struct_conn.pdbx_ptnr3_label_seq_id 
_struct_conn.pdbx_ptnr3_label_comp_id 
_struct_conn.pdbx_ptnr3_label_asym_id 
_struct_conn.pdbx_ptnr3_label_alt_id 
_struct_conn.pdbx_ptnr3_PDB_ins_code 
_struct_conn.details 
_struct_conn.pdbx_dist_value 
_struct_conn.pdbx_value_order 
_struct_conn.pdbx_role 
hydrog1  hydrog ? ? A DT 1  N3 ? ? ? 1_555 B DA 14 N1 ? ? A DT 1  B DA 28 1_555 ? ? ? ? ? ? WATSON-CRICK ? ? ? 
hydrog2  hydrog ? ? A DT 1  O4 ? ? ? 1_555 B DA 14 N6 ? ? A DT 1  B DA 28 1_555 ? ? ? ? ? ? WATSON-CRICK ? ? ? 
hydrog3  hydrog ? ? A DG 2  N1 ? ? ? 1_555 B DC 13 N3 ? ? A DG 2  B DC 27 1_555 ? ? ? ? ? ? WATSON-CRICK ? ? ? 
hydrog4  hydrog ? ? A DG 2  N2 ? ? ? 1_555 B DC 13 O2 ? ? A DG 2  B DC 27 1_555 ? ? ? ? ? ? WATSON-CRICK ? ? ? 
hydrog5  hydrog ? ? A DG 2  O6 ? ? ? 1_555 B DC 13 N4 ? ? A DG 2  B DC 27 1_555 ? ? ? ? ? ? WATSON-CRICK ? ? ? 
hydrog6  hydrog ? ? A DT 3  N3 ? ? ? 1_555 B DA 12 N1 ? ? A DT 3  B DA 26 1_555 ? ? ? ? ? ? WATSON-CRICK ? ? ? 
hydrog7  hydrog ? ? A DT 3  O4 ? ? ? 1_555 B DA 12 N6 ? ? A DT 3  B DA 26 1_555 ? ? ? ? ? ? WATSON-CRICK ? ? ? 
hydrog8  hydrog ? ? A DG 4  N1 ? ? ? 1_555 B DC 11 N3 ? ? A DG 4  B DC 25 1_555 ? ? ? ? ? ? WATSON-CRICK ? ? ? 
hydrog9  hydrog ? ? A DG 4  N2 ? ? ? 1_555 B DC 11 O2 ? ? A DG 4  B DC 25 1_555 ? ? ? ? ? ? WATSON-CRICK ? ? ? 
hydrog10 hydrog ? ? A DG 4  O6 ? ? ? 1_555 B DC 11 N4 ? ? A DG 4  B DC 25 1_555 ? ? ? ? ? ? WATSON-CRICK ? ? ? 
hydrog11 hydrog ? ? A DA 5  N1 ? ? ? 1_555 B DT 10 N3 ? ? A DA 5  B DT 24 1_555 ? ? ? ? ? ? WATSON-CRICK ? ? ? 
hydrog12 hydrog ? ? A DA 5  N6 ? ? ? 1_555 B DT 10 O4 ? ? A DA 5  B DT 24 1_555 ? ? ? ? ? ? WATSON-CRICK ? ? ? 
hydrog13 hydrog ? ? A DG 6  N1 ? ? ? 1_555 B DC 9  N3 ? ? A DG 6  B DC 23 1_555 ? ? ? ? ? ? WATSON-CRICK ? ? ? 
hydrog14 hydrog ? ? A DG 6  N2 ? ? ? 1_555 B DC 9  O2 ? ? A DG 6  B DC 23 1_555 ? ? ? ? ? ? WATSON-CRICK ? ? ? 
hydrog15 hydrog ? ? A DG 6  O6 ? ? ? 1_555 B DC 9  N4 ? ? A DG 6  B DC 23 1_555 ? ? ? ? ? ? WATSON-CRICK ? ? ? 
hydrog16 hydrog ? ? A DC 7  N3 ? ? ? 1_555 B DG 8  N1 ? ? A DC 7  B DG 22 1_555 ? ? ? ? ? ? WATSON-CRICK ? ? ? 
hydrog17 hydrog ? ? A DC 7  N4 ? ? ? 1_555 B DG 8  O6 ? ? A DC 7  B DG 22 1_555 ? ? ? ? ? ? WATSON-CRICK ? ? ? 
hydrog18 hydrog ? ? A DC 7  O2 ? ? ? 1_555 B DG 8  N2 ? ? A DC 7  B DG 22 1_555 ? ? ? ? ? ? WATSON-CRICK ? ? ? 
hydrog19 hydrog ? ? A DG 8  N1 ? ? ? 1_555 B DC 7  N3 ? ? A DG 8  B DC 21 1_555 ? ? ? ? ? ? WATSON-CRICK ? ? ? 
hydrog20 hydrog ? ? A DG 8  N2 ? ? ? 1_555 B DC 7  O2 ? ? A DG 8  B DC 21 1_555 ? ? ? ? ? ? WATSON-CRICK ? ? ? 
hydrog21 hydrog ? ? A DG 8  O6 ? ? ? 1_555 B DC 7  N4 ? ? A DG 8  B DC 21 1_555 ? ? ? ? ? ? WATSON-CRICK ? ? ? 
hydrog22 hydrog ? ? A DC 9  N3 ? ? ? 1_555 B DG 6  N1 ? ? A DC 9  B DG 20 1_555 ? ? ? ? ? ? WATSON-CRICK ? ? ? 
hydrog23 hydrog ? ? A DC 9  N4 ? ? ? 1_555 B DG 6  O6 ? ? A DC 9  B DG 20 1_555 ? ? ? ? ? ? WATSON-CRICK ? ? ? 
hydrog24 hydrog ? ? A DC 9  O2 ? ? ? 1_555 B DG 6  N2 ? ? A DC 9  B DG 20 1_555 ? ? ? ? ? ? WATSON-CRICK ? ? ? 
hydrog25 hydrog ? ? A DT 10 N3 ? ? ? 1_555 B DA 5  N1 ? ? A DT 10 B DA 19 1_555 ? ? ? ? ? ? WATSON-CRICK ? ? ? 
hydrog26 hydrog ? ? A DT 10 O4 ? ? ? 1_555 B DA 5  N6 ? ? A DT 10 B DA 19 1_555 ? ? ? ? ? ? WATSON-CRICK ? ? ? 
hydrog27 hydrog ? ? A DC 11 N3 ? ? ? 1_555 B DG 4  N1 ? ? A DC 11 B DG 18 1_555 ? ? ? ? ? ? WATSON-CRICK ? ? ? 
hydrog28 hydrog ? ? A DC 11 N4 ? ? ? 1_555 B DG 4  O6 ? ? A DC 11 B DG 18 1_555 ? ? ? ? ? ? WATSON-CRICK ? ? ? 
hydrog29 hydrog ? ? A DC 11 O2 ? ? ? 1_555 B DG 4  N2 ? ? A DC 11 B DG 18 1_555 ? ? ? ? ? ? WATSON-CRICK ? ? ? 
hydrog30 hydrog ? ? A DA 12 N1 ? ? ? 1_555 B DT 3  N3 ? ? A DA 12 B DT 17 1_555 ? ? ? ? ? ? WATSON-CRICK ? ? ? 
hydrog31 hydrog ? ? A DA 12 N6 ? ? ? 1_555 B DT 3  O4 ? ? A DA 12 B DT 17 1_555 ? ? ? ? ? ? WATSON-CRICK ? ? ? 
hydrog32 hydrog ? ? A DC 13 N3 ? ? ? 1_555 B DG 2  N1 ? ? A DC 13 B DG 16 1_555 ? ? ? ? ? ? WATSON-CRICK ? ? ? 
hydrog33 hydrog ? ? A DC 13 N4 ? ? ? 1_555 B DG 2  O6 ? ? A DC 13 B DG 16 1_555 ? ? ? ? ? ? WATSON-CRICK ? ? ? 
hydrog34 hydrog ? ? A DC 13 O2 ? ? ? 1_555 B DG 2  N2 ? ? A DC 13 B DG 16 1_555 ? ? ? ? ? ? WATSON-CRICK ? ? ? 
hydrog35 hydrog ? ? A DA 14 N1 ? ? ? 1_555 B DT 1  N3 ? ? A DA 14 B DT 15 1_555 ? ? ? ? ? ? WATSON-CRICK ? ? ? 
hydrog36 hydrog ? ? A DA 14 N6 ? ? ? 1_555 B DT 1  O4 ? ? A DA 14 B DT 15 1_555 ? ? ? ? ? ? WATSON-CRICK ? ? ? 
# 
_struct_conn_type.id          hydrog 
_struct_conn_type.criteria    ? 
_struct_conn_type.reference   ? 
# 
loop_
_pdbx_validate_rmsd_bond.id 
_pdbx_validate_rmsd_bond.PDB_model_num 
_pdbx_validate_rmsd_bond.auth_atom_id_1 
_pdbx_validate_rmsd_bond.auth_asym_id_1 
_pdbx_validate_rmsd_bond.auth_comp_id_1 
_pdbx_validate_rmsd_bond.auth_seq_id_1 
_pdbx_validate_rmsd_bond.PDB_ins_code_1 
_pdbx_validate_rmsd_bond.label_alt_id_1 
_pdbx_validate_rmsd_bond.auth_atom_id_2 
_pdbx_validate_rmsd_bond.auth_asym_id_2 
_pdbx_validate_rmsd_bond.auth_comp_id_2 
_pdbx_validate_rmsd_bond.auth_seq_id_2 
_pdbx_validate_rmsd_bond.PDB_ins_code_2 
_pdbx_validate_rmsd_bond.label_alt_id_2 
_pdbx_validate_rmsd_bond.bond_value 
_pdbx_validate_rmsd_bond.bond_target_value 
_pdbx_validate_rmsd_bond.bond_deviation 
_pdbx_validate_rmsd_bond.bond_standard_deviation 
_pdbx_validate_rmsd_bond.linker_flag 
1  1 "O5'" A DT 1  ? ? "C5'" A DT 1  ? ? 1.047 1.418 -0.371 0.025 N 
2  1 "O4'" A DT 1  ? ? "C4'" A DT 1  ? ? 1.375 1.446 -0.071 0.010 N 
3  1 "O3'" A DT 1  ? ? "C3'" A DT 1  ? ? 1.378 1.419 -0.041 0.006 N 
4  1 "O4'" A DT 3  ? ? "C4'" A DT 3  ? ? 1.383 1.446 -0.063 0.010 N 
5  1 P     A DC 9  ? ? OP1   A DC 9  ? ? 1.353 1.485 -0.132 0.017 N 
6  1 P     A DC 9  ? ? "O5'" A DC 9  ? ? 1.468 1.593 -0.125 0.010 N 
7  1 "O4'" A DC 9  ? ? "C4'" A DC 9  ? ? 1.384 1.446 -0.062 0.010 N 
8  1 "O4'" B DT 15 ? ? "C4'" B DT 15 ? ? 1.378 1.446 -0.068 0.010 N 
9  1 "O4'" B DT 24 ? ? "C4'" B DT 24 ? ? 1.386 1.446 -0.060 0.010 N 
10 1 "O3'" B DA 28 ? ? "C3'" B DA 28 ? ? 1.369 1.419 -0.050 0.006 N 
11 1 C4    B DA 28 ? ? C5    B DA 28 ? ? 1.337 1.383 -0.046 0.007 N 
# 
loop_
_pdbx_validate_rmsd_angle.id 
_pdbx_validate_rmsd_angle.PDB_model_num 
_pdbx_validate_rmsd_angle.auth_atom_id_1 
_pdbx_validate_rmsd_angle.auth_asym_id_1 
_pdbx_validate_rmsd_angle.auth_comp_id_1 
_pdbx_validate_rmsd_angle.auth_seq_id_1 
_pdbx_validate_rmsd_angle.PDB_ins_code_1 
_pdbx_validate_rmsd_angle.label_alt_id_1 
_pdbx_validate_rmsd_angle.auth_atom_id_2 
_pdbx_validate_rmsd_angle.auth_asym_id_2 
_pdbx_validate_rmsd_angle.auth_comp_id_2 
_pdbx_validate_rmsd_angle.auth_seq_id_2 
_pdbx_validate_rmsd_angle.PDB_ins_code_2 
_pdbx_validate_rmsd_angle.label_alt_id_2 
_pdbx_validate_rmsd_angle.auth_atom_id_3 
_pdbx_validate_rmsd_angle.auth_asym_id_3 
_pdbx_validate_rmsd_angle.auth_comp_id_3 
_pdbx_validate_rmsd_angle.auth_seq_id_3 
_pdbx_validate_rmsd_angle.PDB_ins_code_3 
_pdbx_validate_rmsd_angle.label_alt_id_3 
_pdbx_validate_rmsd_angle.angle_value 
_pdbx_validate_rmsd_angle.angle_target_value 
_pdbx_validate_rmsd_angle.angle_deviation 
_pdbx_validate_rmsd_angle.angle_standard_deviation 
_pdbx_validate_rmsd_angle.linker_flag 
1  1 "O4'" A DT 1  ? ? "C1'" A DT 1  ? ? N1    A DT 1  ? ? 112.16 108.30 3.86  0.30 N 
2  1 "O4'" A DG 4  ? ? "C1'" A DG 4  ? ? N9    A DG 4  ? ? 116.51 108.30 8.21  0.30 N 
3  1 N7    A DG 4  ? ? C8    A DG 4  ? ? N9    A DG 4  ? ? 116.28 113.10 3.18  0.50 N 
4  1 C8    A DG 4  ? ? N9    A DG 4  ? ? C4    A DG 4  ? ? 103.16 106.40 -3.24 0.40 N 
5  1 "O4'" A DG 6  ? ? "C1'" A DG 6  ? ? N9    A DG 6  ? ? 110.15 108.30 1.85  0.30 N 
6  1 "O4'" A DG 8  ? ? "C1'" A DG 8  ? ? N9    A DG 8  ? ? 111.96 108.30 3.66  0.30 N 
7  1 P     A DC 9  ? ? "O5'" A DC 9  ? ? "C5'" A DC 9  ? ? 135.89 120.90 14.99 1.60 N 
8  1 "O4'" A DC 9  ? ? "C1'" A DC 9  ? ? N1    A DC 9  ? ? 110.35 108.30 2.05  0.30 N 
9  1 "C4'" A DT 10 ? ? "C3'" A DT 10 ? ? "C2'" A DT 10 ? ? 97.95  102.20 -4.25 0.70 N 
10 1 "C3'" A DT 10 ? ? "C2'" A DT 10 ? ? "C1'" A DT 10 ? ? 110.43 102.50 7.93  1.20 N 
11 1 "O4'" A DC 11 ? ? "C1'" A DC 11 ? ? N1    A DC 11 ? ? 111.48 108.30 3.18  0.30 N 
12 1 "O4'" A DA 12 ? ? "C4'" A DA 12 ? ? "C3'" A DA 12 ? ? 110.48 106.00 4.48  0.60 N 
13 1 "C4'" A DA 12 ? ? "C3'" A DA 12 ? ? "C2'" A DA 12 ? ? 92.30  102.20 -9.90 0.70 N 
14 1 "O4'" A DA 12 ? ? "C1'" A DA 12 ? ? "C2'" A DA 12 ? ? 100.97 105.90 -4.93 0.80 N 
15 1 "O4'" A DA 12 ? ? "C1'" A DA 12 ? ? N9    A DA 12 ? ? 112.60 108.30 4.30  0.30 N 
16 1 "O4'" A DC 13 ? ? "C1'" A DC 13 ? ? N1    A DC 13 ? ? 111.94 108.30 3.64  0.30 N 
17 1 "O4'" A DA 14 ? ? "C1'" A DA 14 ? ? N9    A DA 14 ? ? 111.19 108.30 2.89  0.30 N 
18 1 "O4'" B DT 15 ? ? "C1'" B DT 15 ? ? N1    B DT 15 ? ? 110.71 108.30 2.41  0.30 N 
19 1 "O4'" B DG 18 ? ? "C1'" B DG 18 ? ? N9    B DG 18 ? ? 115.86 108.30 7.56  0.30 N 
20 1 C8    B DG 18 ? ? N9    B DG 18 ? ? C4    B DG 18 ? ? 103.91 106.40 -2.49 0.40 N 
21 1 "O4'" B DG 22 ? ? "C1'" B DG 22 ? ? N9    B DG 22 ? ? 111.54 108.30 3.24  0.30 N 
22 1 "O4'" B DT 24 ? ? "C4'" B DT 24 ? ? "C3'" B DT 24 ? ? 110.24 106.00 4.24  0.60 N 
23 1 "C4'" B DT 24 ? ? "C3'" B DT 24 ? ? "C2'" B DT 24 ? ? 97.27  102.20 -4.93 0.70 N 
24 1 "C3'" B DT 24 ? ? "C2'" B DT 24 ? ? "C1'" B DT 24 ? ? 110.49 102.50 7.99  1.20 N 
25 1 "O4'" B DC 25 ? ? "C1'" B DC 25 ? ? N1    B DC 25 ? ? 113.01 108.30 4.71  0.30 N 
26 1 "O4'" B DC 27 ? ? "C1'" B DC 27 ? ? N1    B DC 27 ? ? 111.16 108.30 2.86  0.30 N 
27 1 "O4'" B DA 28 ? ? "C1'" B DA 28 ? ? N9    B DA 28 ? ? 110.68 108.30 2.38  0.30 N 
# 
loop_
_pdbx_validate_planes.id 
_pdbx_validate_planes.PDB_model_num 
_pdbx_validate_planes.auth_comp_id 
_pdbx_validate_planes.auth_asym_id 
_pdbx_validate_planes.auth_seq_id 
_pdbx_validate_planes.PDB_ins_code 
_pdbx_validate_planes.label_alt_id 
_pdbx_validate_planes.rmsd 
_pdbx_validate_planes.type 
1 1 DG A 4  ? ? 0.079 'SIDE CHAIN' 
2 1 DA A 5  ? ? 0.076 'SIDE CHAIN' 
3 1 DC A 7  ? ? 0.074 'SIDE CHAIN' 
4 1 DA A 12 ? ? 0.094 'SIDE CHAIN' 
5 1 DT B 15 ? ? 0.088 'SIDE CHAIN' 
6 1 DG B 16 ? ? 0.067 'SIDE CHAIN' 
7 1 DG B 18 ? ? 0.097 'SIDE CHAIN' 
8 1 DA B 19 ? ? 0.056 'SIDE CHAIN' 
9 1 DC B 25 ? ? 0.093 'SIDE CHAIN' 
# 
_pdbx_nmr_ensemble.entry_id                                      1K9H 
_pdbx_nmr_ensemble.conformers_calculated_total_number            2 
_pdbx_nmr_ensemble.conformers_submitted_total_number             1 
_pdbx_nmr_ensemble.conformer_selection_criteria                  
'back calculated data agree with experimental NOESY spectrum,structures with the lowest energy' 
_pdbx_nmr_ensemble.average_constraints_per_residue               ? 
_pdbx_nmr_ensemble.average_constraint_violations_per_residue     ? 
_pdbx_nmr_ensemble.maximum_distance_constraint_violation         ? 
_pdbx_nmr_ensemble.average_distance_constraint_violation         ? 
_pdbx_nmr_ensemble.maximum_upper_distance_constraint_violation   ? 
_pdbx_nmr_ensemble.maximum_lower_distance_constraint_violation   ? 
_pdbx_nmr_ensemble.distance_constraint_violation_method          ? 
_pdbx_nmr_ensemble.maximum_torsion_angle_constraint_violation    ? 
_pdbx_nmr_ensemble.average_torsion_angle_constraint_violation    ? 
_pdbx_nmr_ensemble.torsion_angle_constraint_violation_method     ? 
# 
_pdbx_nmr_representative.entry_id             1K9H 
_pdbx_nmr_representative.conformer_id         ? 
_pdbx_nmr_representative.selection_criteria   'closest to the average' 
# 
_pdbx_nmr_sample_details.solution_id      1 
_pdbx_nmr_sample_details.contents         '3.6 mM oligonucleotide, 55 mM potassium phosphate, 150 mM KCl, 0.1mM NaN3' 
_pdbx_nmr_sample_details.solvent_system   '99.96% D2O' 
# 
_pdbx_nmr_exptl_sample_conditions.conditions_id       1 
_pdbx_nmr_exptl_sample_conditions.temperature         298 
_pdbx_nmr_exptl_sample_conditions.pressure            ambient 
_pdbx_nmr_exptl_sample_conditions.pH                  7.4 
_pdbx_nmr_exptl_sample_conditions.ionic_strength      '150 mM KCl' 
_pdbx_nmr_exptl_sample_conditions.pressure_units      ? 
_pdbx_nmr_exptl_sample_conditions.temperature_units   K 
# 
loop_
_pdbx_nmr_exptl.experiment_id 
_pdbx_nmr_exptl.solution_id 
_pdbx_nmr_exptl.conditions_id 
_pdbx_nmr_exptl.type 
1 1 1 '2D NOESY' 
2 1 1 '2D TOCSY' 
# 
_pdbx_nmr_details.entry_id   1K9H 
_pdbx_nmr_details.text       'This structure was determined using standard homonuclear techniques.' 
# 
_pdbx_nmr_refine.entry_id           1K9H 
_pdbx_nmr_refine.method             
;molecular dynamics, 
matrix relaxation, 
simulated annealing
;
_pdbx_nmr_refine.details            ? 
_pdbx_nmr_refine.software_ordinal   1 
# 
loop_
_pdbx_nmr_software.name 
_pdbx_nmr_software.version 
_pdbx_nmr_software.classification 
_pdbx_nmr_software.authors 
_pdbx_nmr_software.ordinal 
Amber  'versions 3-5' refinement 'Kollman. P.'   1 
MORASS 1.0            refinement 'Meadows. R.P.' 2 
# 
loop_
_chem_comp_atom.comp_id 
_chem_comp_atom.atom_id 
_chem_comp_atom.type_symbol 
_chem_comp_atom.pdbx_aromatic_flag 
_chem_comp_atom.pdbx_stereo_config 
_chem_comp_atom.pdbx_ordinal 
DA OP3    O N N 1   
DA P      P N N 2   
DA OP1    O N N 3   
DA OP2    O N N 4   
DA "O5'"  O N N 5   
DA "C5'"  C N N 6   
DA "C4'"  C N R 7   
DA "O4'"  O N N 8   
DA "C3'"  C N S 9   
DA "O3'"  O N N 10  
DA "C2'"  C N N 11  
DA "C1'"  C N R 12  
DA N9     N Y N 13  
DA C8     C Y N 14  
DA N7     N Y N 15  
DA C5     C Y N 16  
DA C6     C Y N 17  
DA N6     N N N 18  
DA N1     N Y N 19  
DA C2     C Y N 20  
DA N3     N Y N 21  
DA C4     C Y N 22  
DA HOP3   H N N 23  
DA HOP2   H N N 24  
DA "H5'"  H N N 25  
DA "H5''" H N N 26  
DA "H4'"  H N N 27  
DA "H3'"  H N N 28  
DA "HO3'" H N N 29  
DA "H2'"  H N N 30  
DA "H2''" H N N 31  
DA "H1'"  H N N 32  
DA H8     H N N 33  
DA H61    H N N 34  
DA H62    H N N 35  
DA H2     H N N 36  
DC OP3    O N N 37  
DC P      P N N 38  
DC OP1    O N N 39  
DC OP2    O N N 40  
DC "O5'"  O N N 41  
DC "C5'"  C N N 42  
DC "C4'"  C N R 43  
DC "O4'"  O N N 44  
DC "C3'"  C N S 45  
DC "O3'"  O N N 46  
DC "C2'"  C N N 47  
DC "C1'"  C N R 48  
DC N1     N N N 49  
DC C2     C N N 50  
DC O2     O N N 51  
DC N3     N N N 52  
DC C4     C N N 53  
DC N4     N N N 54  
DC C5     C N N 55  
DC C6     C N N 56  
DC HOP3   H N N 57  
DC HOP2   H N N 58  
DC "H5'"  H N N 59  
DC "H5''" H N N 60  
DC "H4'"  H N N 61  
DC "H3'"  H N N 62  
DC "HO3'" H N N 63  
DC "H2'"  H N N 64  
DC "H2''" H N N 65  
DC "H1'"  H N N 66  
DC H41    H N N 67  
DC H42    H N N 68  
DC H5     H N N 69  
DC H6     H N N 70  
DG OP3    O N N 71  
DG P      P N N 72  
DG OP1    O N N 73  
DG OP2    O N N 74  
DG "O5'"  O N N 75  
DG "C5'"  C N N 76  
DG "C4'"  C N R 77  
DG "O4'"  O N N 78  
DG "C3'"  C N S 79  
DG "O3'"  O N N 80  
DG "C2'"  C N N 81  
DG "C1'"  C N R 82  
DG N9     N Y N 83  
DG C8     C Y N 84  
DG N7     N Y N 85  
DG C5     C Y N 86  
DG C6     C N N 87  
DG O6     O N N 88  
DG N1     N N N 89  
DG C2     C N N 90  
DG N2     N N N 91  
DG N3     N N N 92  
DG C4     C Y N 93  
DG HOP3   H N N 94  
DG HOP2   H N N 95  
DG "H5'"  H N N 96  
DG "H5''" H N N 97  
DG "H4'"  H N N 98  
DG "H3'"  H N N 99  
DG "HO3'" H N N 100 
DG "H2'"  H N N 101 
DG "H2''" H N N 102 
DG "H1'"  H N N 103 
DG H8     H N N 104 
DG H1     H N N 105 
DG H21    H N N 106 
DG H22    H N N 107 
DT OP3    O N N 108 
DT P      P N N 109 
DT OP1    O N N 110 
DT OP2    O N N 111 
DT "O5'"  O N N 112 
DT "C5'"  C N N 113 
DT "C4'"  C N R 114 
DT "O4'"  O N N 115 
DT "C3'"  C N S 116 
DT "O3'"  O N N 117 
DT "C2'"  C N N 118 
DT "C1'"  C N R 119 
DT N1     N N N 120 
DT C2     C N N 121 
DT O2     O N N 122 
DT N3     N N N 123 
DT C4     C N N 124 
DT O4     O N N 125 
DT C5     C N N 126 
DT C7     C N N 127 
DT C6     C N N 128 
DT HOP3   H N N 129 
DT HOP2   H N N 130 
DT "H5'"  H N N 131 
DT "H5''" H N N 132 
DT "H4'"  H N N 133 
DT "H3'"  H N N 134 
DT "HO3'" H N N 135 
DT "H2'"  H N N 136 
DT "H2''" H N N 137 
DT "H1'"  H N N 138 
DT H3     H N N 139 
DT H71    H N N 140 
DT H72    H N N 141 
DT H73    H N N 142 
DT H6     H N N 143 
# 
loop_
_chem_comp_bond.comp_id 
_chem_comp_bond.atom_id_1 
_chem_comp_bond.atom_id_2 
_chem_comp_bond.value_order 
_chem_comp_bond.pdbx_aromatic_flag 
_chem_comp_bond.pdbx_stereo_config 
_chem_comp_bond.pdbx_ordinal 
DA OP3   P      sing N N 1   
DA OP3   HOP3   sing N N 2   
DA P     OP1    doub N N 3   
DA P     OP2    sing N N 4   
DA P     "O5'"  sing N N 5   
DA OP2   HOP2   sing N N 6   
DA "O5'" "C5'"  sing N N 7   
DA "C5'" "C4'"  sing N N 8   
DA "C5'" "H5'"  sing N N 9   
DA "C5'" "H5''" sing N N 10  
DA "C4'" "O4'"  sing N N 11  
DA "C4'" "C3'"  sing N N 12  
DA "C4'" "H4'"  sing N N 13  
DA "O4'" "C1'"  sing N N 14  
DA "C3'" "O3'"  sing N N 15  
DA "C3'" "C2'"  sing N N 16  
DA "C3'" "H3'"  sing N N 17  
DA "O3'" "HO3'" sing N N 18  
DA "C2'" "C1'"  sing N N 19  
DA "C2'" "H2'"  sing N N 20  
DA "C2'" "H2''" sing N N 21  
DA "C1'" N9     sing N N 22  
DA "C1'" "H1'"  sing N N 23  
DA N9    C8     sing Y N 24  
DA N9    C4     sing Y N 25  
DA C8    N7     doub Y N 26  
DA C8    H8     sing N N 27  
DA N7    C5     sing Y N 28  
DA C5    C6     sing Y N 29  
DA C5    C4     doub Y N 30  
DA C6    N6     sing N N 31  
DA C6    N1     doub Y N 32  
DA N6    H61    sing N N 33  
DA N6    H62    sing N N 34  
DA N1    C2     sing Y N 35  
DA C2    N3     doub Y N 36  
DA C2    H2     sing N N 37  
DA N3    C4     sing Y N 38  
DC OP3   P      sing N N 39  
DC OP3   HOP3   sing N N 40  
DC P     OP1    doub N N 41  
DC P     OP2    sing N N 42  
DC P     "O5'"  sing N N 43  
DC OP2   HOP2   sing N N 44  
DC "O5'" "C5'"  sing N N 45  
DC "C5'" "C4'"  sing N N 46  
DC "C5'" "H5'"  sing N N 47  
DC "C5'" "H5''" sing N N 48  
DC "C4'" "O4'"  sing N N 49  
DC "C4'" "C3'"  sing N N 50  
DC "C4'" "H4'"  sing N N 51  
DC "O4'" "C1'"  sing N N 52  
DC "C3'" "O3'"  sing N N 53  
DC "C3'" "C2'"  sing N N 54  
DC "C3'" "H3'"  sing N N 55  
DC "O3'" "HO3'" sing N N 56  
DC "C2'" "C1'"  sing N N 57  
DC "C2'" "H2'"  sing N N 58  
DC "C2'" "H2''" sing N N 59  
DC "C1'" N1     sing N N 60  
DC "C1'" "H1'"  sing N N 61  
DC N1    C2     sing N N 62  
DC N1    C6     sing N N 63  
DC C2    O2     doub N N 64  
DC C2    N3     sing N N 65  
DC N3    C4     doub N N 66  
DC C4    N4     sing N N 67  
DC C4    C5     sing N N 68  
DC N4    H41    sing N N 69  
DC N4    H42    sing N N 70  
DC C5    C6     doub N N 71  
DC C5    H5     sing N N 72  
DC C6    H6     sing N N 73  
DG OP3   P      sing N N 74  
DG OP3   HOP3   sing N N 75  
DG P     OP1    doub N N 76  
DG P     OP2    sing N N 77  
DG P     "O5'"  sing N N 78  
DG OP2   HOP2   sing N N 79  
DG "O5'" "C5'"  sing N N 80  
DG "C5'" "C4'"  sing N N 81  
DG "C5'" "H5'"  sing N N 82  
DG "C5'" "H5''" sing N N 83  
DG "C4'" "O4'"  sing N N 84  
DG "C4'" "C3'"  sing N N 85  
DG "C4'" "H4'"  sing N N 86  
DG "O4'" "C1'"  sing N N 87  
DG "C3'" "O3'"  sing N N 88  
DG "C3'" "C2'"  sing N N 89  
DG "C3'" "H3'"  sing N N 90  
DG "O3'" "HO3'" sing N N 91  
DG "C2'" "C1'"  sing N N 92  
DG "C2'" "H2'"  sing N N 93  
DG "C2'" "H2''" sing N N 94  
DG "C1'" N9     sing N N 95  
DG "C1'" "H1'"  sing N N 96  
DG N9    C8     sing Y N 97  
DG N9    C4     sing Y N 98  
DG C8    N7     doub Y N 99  
DG C8    H8     sing N N 100 
DG N7    C5     sing Y N 101 
DG C5    C6     sing N N 102 
DG C5    C4     doub Y N 103 
DG C6    O6     doub N N 104 
DG C6    N1     sing N N 105 
DG N1    C2     sing N N 106 
DG N1    H1     sing N N 107 
DG C2    N2     sing N N 108 
DG C2    N3     doub N N 109 
DG N2    H21    sing N N 110 
DG N2    H22    sing N N 111 
DG N3    C4     sing N N 112 
DT OP3   P      sing N N 113 
DT OP3   HOP3   sing N N 114 
DT P     OP1    doub N N 115 
DT P     OP2    sing N N 116 
DT P     "O5'"  sing N N 117 
DT OP2   HOP2   sing N N 118 
DT "O5'" "C5'"  sing N N 119 
DT "C5'" "C4'"  sing N N 120 
DT "C5'" "H5'"  sing N N 121 
DT "C5'" "H5''" sing N N 122 
DT "C4'" "O4'"  sing N N 123 
DT "C4'" "C3'"  sing N N 124 
DT "C4'" "H4'"  sing N N 125 
DT "O4'" "C1'"  sing N N 126 
DT "C3'" "O3'"  sing N N 127 
DT "C3'" "C2'"  sing N N 128 
DT "C3'" "H3'"  sing N N 129 
DT "O3'" "HO3'" sing N N 130 
DT "C2'" "C1'"  sing N N 131 
DT "C2'" "H2'"  sing N N 132 
DT "C2'" "H2''" sing N N 133 
DT "C1'" N1     sing N N 134 
DT "C1'" "H1'"  sing N N 135 
DT N1    C2     sing N N 136 
DT N1    C6     sing N N 137 
DT C2    O2     doub N N 138 
DT C2    N3     sing N N 139 
DT N3    C4     sing N N 140 
DT N3    H3     sing N N 141 
DT C4    O4     doub N N 142 
DT C4    C5     sing N N 143 
DT C5    C7     sing N N 144 
DT C5    C6     doub N N 145 
DT C7    H71    sing N N 146 
DT C7    H72    sing N N 147 
DT C7    H73    sing N N 148 
DT C6    H6     sing N N 149 
# 
loop_
_ndb_struct_conf_na.entry_id 
_ndb_struct_conf_na.feature 
1K9H 'double helix'        
1K9H 'b-form double helix' 
# 
loop_
_ndb_struct_na_base_pair.model_number 
_ndb_struct_na_base_pair.i_label_asym_id 
_ndb_struct_na_base_pair.i_label_comp_id 
_ndb_struct_na_base_pair.i_label_seq_id 
_ndb_struct_na_base_pair.i_symmetry 
_ndb_struct_na_base_pair.j_label_asym_id 
_ndb_struct_na_base_pair.j_label_comp_id 
_ndb_struct_na_base_pair.j_label_seq_id 
_ndb_struct_na_base_pair.j_symmetry 
_ndb_struct_na_base_pair.shear 
_ndb_struct_na_base_pair.stretch 
_ndb_struct_na_base_pair.stagger 
_ndb_struct_na_base_pair.buckle 
_ndb_struct_na_base_pair.propeller 
_ndb_struct_na_base_pair.opening 
_ndb_struct_na_base_pair.pair_number 
_ndb_struct_na_base_pair.pair_name 
_ndb_struct_na_base_pair.i_auth_asym_id 
_ndb_struct_na_base_pair.i_auth_seq_id 
_ndb_struct_na_base_pair.i_PDB_ins_code 
_ndb_struct_na_base_pair.j_auth_asym_id 
_ndb_struct_na_base_pair.j_auth_seq_id 
_ndb_struct_na_base_pair.j_PDB_ins_code 
_ndb_struct_na_base_pair.hbond_type_28 
_ndb_struct_na_base_pair.hbond_type_12 
1 A DT 1  1_555 B DA 14 1_555 0.419  -0.183 -0.275 23.054  -41.343 5.687  1  A_DT1:DA28_B  A 1  ? B 28 ? 20 1 
1 A DG 2  1_555 B DC 13 1_555 -0.382 -0.265 0.143  -5.776  -8.346  -0.940 2  A_DG2:DC27_B  A 2  ? B 27 ? 19 1 
1 A DT 3  1_555 B DA 12 1_555 0.110  -0.202 0.185  -2.009  -12.567 3.780  3  A_DT3:DA26_B  A 3  ? B 26 ? 20 1 
1 A DG 4  1_555 B DC 11 1_555 -0.391 -0.336 -0.715 -21.363 -28.448 0.029  4  A_DG4:DC25_B  A 4  ? B 25 ? 19 1 
1 A DA 5  1_555 B DT 10 1_555 -0.074 -0.127 -0.416 -27.297 -13.066 3.054  5  A_DA5:DT24_B  A 5  ? B 24 ? 20 1 
1 A DG 6  1_555 B DC 9  1_555 -0.264 -0.214 0.095  -3.060  -7.235  -0.151 6  A_DG6:DC23_B  A 6  ? B 23 ? 19 1 
1 A DC 7  1_555 B DG 8  1_555 0.195  -0.255 0.282  -11.475 0.479   -3.467 7  A_DC7:DG22_B  A 7  ? B 22 ? 19 1 
1 A DG 8  1_555 B DC 7  1_555 -0.155 -0.232 0.426  13.643  1.109   -2.777 8  A_DG8:DC21_B  A 8  ? B 21 ? 19 1 
1 A DC 9  1_555 B DG 6  1_555 0.278  -0.218 0.039  4.128   -6.864  -0.502 9  A_DC9:DG20_B  A 9  ? B 20 ? 19 1 
1 A DT 10 1_555 B DA 5  1_555 0.039  -0.161 0.239  7.988   -1.703  5.300  10 A_DT10:DA19_B A 10 ? B 19 ? 20 1 
1 A DC 11 1_555 B DG 4  1_555 0.326  -0.287 0.106  1.895   -14.175 -3.053 11 A_DC11:DG18_B A 11 ? B 18 ? 19 1 
1 A DA 12 1_555 B DT 3  1_555 -0.266 -0.277 0.226  2.525   -13.667 -2.326 12 A_DA12:DT17_B A 12 ? B 17 ? 20 1 
1 A DC 13 1_555 B DG 2  1_555 0.528  -0.241 0.404  1.562   -6.546  1.339  13 A_DC13:DG16_B A 13 ? B 16 ? 19 1 
1 A DA 14 1_555 B DT 1  1_555 -0.011 -0.216 0.050  0.170   -31.247 -3.574 14 A_DA14:DT15_B A 14 ? B 15 ? 20 1 
# 
loop_
_ndb_struct_na_base_pair_step.model_number 
_ndb_struct_na_base_pair_step.i_label_asym_id_1 
_ndb_struct_na_base_pair_step.i_label_comp_id_1 
_ndb_struct_na_base_pair_step.i_label_seq_id_1 
_ndb_struct_na_base_pair_step.i_symmetry_1 
_ndb_struct_na_base_pair_step.j_label_asym_id_1 
_ndb_struct_na_base_pair_step.j_label_comp_id_1 
_ndb_struct_na_base_pair_step.j_label_seq_id_1 
_ndb_struct_na_base_pair_step.j_symmetry_1 
_ndb_struct_na_base_pair_step.i_label_asym_id_2 
_ndb_struct_na_base_pair_step.i_label_comp_id_2 
_ndb_struct_na_base_pair_step.i_label_seq_id_2 
_ndb_struct_na_base_pair_step.i_symmetry_2 
_ndb_struct_na_base_pair_step.j_label_asym_id_2 
_ndb_struct_na_base_pair_step.j_label_comp_id_2 
_ndb_struct_na_base_pair_step.j_label_seq_id_2 
_ndb_struct_na_base_pair_step.j_symmetry_2 
_ndb_struct_na_base_pair_step.shift 
_ndb_struct_na_base_pair_step.slide 
_ndb_struct_na_base_pair_step.rise 
_ndb_struct_na_base_pair_step.tilt 
_ndb_struct_na_base_pair_step.roll 
_ndb_struct_na_base_pair_step.twist 
_ndb_struct_na_base_pair_step.x_displacement 
_ndb_struct_na_base_pair_step.y_displacement 
_ndb_struct_na_base_pair_step.helical_rise 
_ndb_struct_na_base_pair_step.inclination 
_ndb_struct_na_base_pair_step.tip 
_ndb_struct_na_base_pair_step.helical_twist 
_ndb_struct_na_base_pair_step.step_number 
_ndb_struct_na_base_pair_step.step_name 
_ndb_struct_na_base_pair_step.i_auth_asym_id_1 
_ndb_struct_na_base_pair_step.i_auth_seq_id_1 
_ndb_struct_na_base_pair_step.i_PDB_ins_code_1 
_ndb_struct_na_base_pair_step.j_auth_asym_id_1 
_ndb_struct_na_base_pair_step.j_auth_seq_id_1 
_ndb_struct_na_base_pair_step.j_PDB_ins_code_1 
_ndb_struct_na_base_pair_step.i_auth_asym_id_2 
_ndb_struct_na_base_pair_step.i_auth_seq_id_2 
_ndb_struct_na_base_pair_step.i_PDB_ins_code_2 
_ndb_struct_na_base_pair_step.j_auth_asym_id_2 
_ndb_struct_na_base_pair_step.j_auth_seq_id_2 
_ndb_struct_na_base_pair_step.j_PDB_ins_code_2 
1 A DT 1  1_555 B DA 14 1_555 A DG 2  1_555 B DC 13 1_555 -0.828 -0.548 3.619 -8.301 25.932 38.638 -3.044 0.285  2.855 34.482 
11.039  46.966 1  AA_DT1DG2:DC27DA28_BB   A 1  ? B 28 ? A 2  ? B 27 ? 
1 A DG 2  1_555 B DC 13 1_555 A DT 3  1_555 B DA 12 1_555 0.013  -0.381 3.127 0.075  4.692  35.096 -1.281 -0.011 3.053 7.738  
-0.124  35.399 2  AA_DG2DT3:DA26DC27_BB   A 2  ? B 27 ? A 3  ? B 26 ? 
1 A DT 3  1_555 B DA 12 1_555 A DG 4  1_555 B DC 11 1_555 0.193  -0.501 3.575 8.931  17.661 33.338 -3.094 0.889  2.922 27.937 
-14.128 38.626 3  AA_DT3DG4:DC25DA26_BB   A 3  ? B 26 ? A 4  ? B 25 ? 
1 A DG 4  1_555 B DC 11 1_555 A DA 5  1_555 B DT 10 1_555 0.464  -0.003 3.296 -1.030 4.830  33.004 -0.811 -0.980 3.247 8.443  
1.801   33.361 4  AA_DG4DA5:DT24DC25_BB   A 4  ? B 25 ? A 5  ? B 24 ? 
1 A DA 5  1_555 B DT 10 1_555 A DG 6  1_555 B DC 9  1_555 -0.451 -0.262 2.808 -9.311 15.802 27.129 -2.840 -0.595 2.345 29.758 
17.534  32.651 5  AA_DA5DG6:DC23DT24_BB   A 5  ? B 24 ? A 6  ? B 23 ? 
1 A DG 6  1_555 B DC 9  1_555 A DC 7  1_555 B DG 8  1_555 -0.481 -0.633 3.432 -1.743 4.638  40.741 -1.430 0.488  3.360 6.633  
2.493   41.028 6  AA_DG6DC7:DG22DC23_BB   A 6  ? B 23 ? A 7  ? B 22 ? 
1 A DC 7  1_555 B DG 8  1_555 A DG 8  1_555 B DC 7  1_555 0.002  -0.427 2.634 -2.161 0.134  26.826 -0.944 -0.450 2.623 0.289  
4.649   26.912 7  AA_DC7DG8:DC21DG22_BB   A 7  ? B 22 ? A 8  ? B 21 ? 
1 A DG 8  1_555 B DC 7  1_555 A DC 9  1_555 B DG 6  1_555 0.525  -0.433 3.469 3.846  2.505  39.497 -0.946 -0.297 3.470 3.692  
-5.667  39.753 8  AA_DG8DC9:DG20DC21_BB   A 8  ? B 21 ? A 9  ? B 20 ? 
1 A DC 9  1_555 B DG 6  1_555 A DT 10 1_555 B DA 5  1_555 1.206  -0.133 3.481 6.517  28.880 26.248 -3.984 -0.936 2.447 48.121 
-10.858 39.370 9  AA_DC9DT10:DA19DG20_BB  A 9  ? B 20 ? A 10 ? B 19 ? 
1 A DT 10 1_555 B DA 5  1_555 A DC 11 1_555 B DG 4  1_555 -0.270 -0.140 3.373 1.731  11.026 30.942 -2.183 0.781  3.123 19.873 
-3.120  32.847 10 AA_DT10DC11:DG18DA19_BB A 10 ? B 19 ? A 11 ? B 18 ? 
1 A DC 11 1_555 B DG 4  1_555 A DA 12 1_555 B DT 3  1_555 -0.502 -0.357 3.144 -1.687 5.252  32.343 -1.495 0.612  3.072 9.343  
3.001   32.798 11 AA_DC11DA12:DT17DG18_BB A 11 ? B 18 ? A 12 ? B 17 ? 
1 A DA 12 1_555 B DT 3  1_555 A DC 13 1_555 B DG 2  1_555 0.225  0.038  3.347 -1.566 0.685  37.476 -0.033 -0.559 3.335 1.065  
2.435   37.514 12 AA_DA12DC13:DG16DT17_BB A 12 ? B 17 ? A 13 ? B 16 ? 
1 A DC 13 1_555 B DG 2  1_555 A DA 14 1_555 B DT 1  1_555 0.406  -0.300 3.157 7.939  11.693 30.083 -2.427 0.581  2.862 21.124 
-14.343 33.169 13 AA_DC13DA14:DT15DG16_BB A 13 ? B 16 ? A 14 ? B 15 ? 
# 
loop_
_pdbx_nmr_spectrometer.spectrometer_id 
_pdbx_nmr_spectrometer.type 
_pdbx_nmr_spectrometer.manufacturer 
_pdbx_nmr_spectrometer.model 
_pdbx_nmr_spectrometer.field_strength 
1 ? Varian VXRS 500 
2 ? Varian VXRS 600 
# 
_atom_sites.entry_id                    1K9H 
_atom_sites.fract_transf_matrix[1][1]   1.000000 
_atom_sites.fract_transf_matrix[1][2]   0.000000 
_atom_sites.fract_transf_matrix[1][3]   0.000000 
_atom_sites.fract_transf_matrix[2][1]   0.000000 
_atom_sites.fract_transf_matrix[2][2]   1.000000 
_atom_sites.fract_transf_matrix[2][3]   0.000000 
_atom_sites.fract_transf_matrix[3][1]   0.000000 
_atom_sites.fract_transf_matrix[3][2]   0.000000 
_atom_sites.fract_transf_matrix[3][3]   1.000000 
_atom_sites.fract_transf_vector[1]      0.00000 
_atom_sites.fract_transf_vector[2]      0.00000 
_atom_sites.fract_transf_vector[3]      0.00000 
# 
loop_
_atom_type.symbol 
C 
H 
N 
O 
P 
# 
loop_
_atom_site.group_PDB 
_atom_site.id 
_atom_site.type_symbol 
_atom_site.label_atom_id 
_atom_site.label_alt_id 
_atom_site.label_comp_id 
_atom_site.label_asym_id 
_atom_site.label_entity_id 
_atom_site.label_seq_id 
_atom_site.pdbx_PDB_ins_code 
_atom_site.Cartn_x 
_atom_site.Cartn_y 
_atom_site.Cartn_z 
_atom_site.occupancy 
_atom_site.B_iso_or_equiv 
_atom_site.pdbx_formal_charge 
_atom_site.auth_seq_id 
_atom_site.auth_comp_id 
_atom_site.auth_asym_id 
_atom_site.auth_atom_id 
_atom_site.pdbx_PDB_model_num 
ATOM 1   O "O5'"  . DT A 1 1  ? -3.068  -17.511 -4.796  1.00 10.00 ? 1  DT A "O5'"  1 
ATOM 2   C "C5'"  . DT A 1 1  ? -3.444  -18.488 -4.774  1.00 10.00 ? 1  DT A "C5'"  1 
ATOM 3   C "C4'"  . DT A 1 1  ? -3.298  -19.329 -3.596  1.00 10.00 ? 1  DT A "C4'"  1 
ATOM 4   O "O4'"  . DT A 1 1  ? -1.983  -19.335 -3.193  1.00 10.00 ? 1  DT A "O4'"  1 
ATOM 5   C "C3'"  . DT A 1 1  ? -4.121  -18.892 -2.446  1.00 10.00 ? 1  DT A "C3'"  1 
ATOM 6   O "O3'"  . DT A 1 1  ? -4.811  -19.987 -1.973  1.00 10.00 ? 1  DT A "O3'"  1 
ATOM 7   C "C2'"  . DT A 1 1  ? -3.080  -18.454 -1.455  1.00 10.00 ? 1  DT A "C2'"  1 
ATOM 8   C "C1'"  . DT A 1 1  ? -1.948  -19.317 -1.824  1.00 10.00 ? 1  DT A "C1'"  1 
ATOM 9   N N1     . DT A 1 1  ? -0.687  -18.773 -1.310  1.00 10.00 ? 1  DT A N1     1 
ATOM 10  C C2     . DT A 1 1  ? -0.169  -19.335 -0.187  1.00 10.00 ? 1  DT A C2     1 
ATOM 11  O O2     . DT A 1 1  ? -0.722  -20.188 0.423   1.00 10.00 ? 1  DT A O2     1 
ATOM 12  N N3     . DT A 1 1  ? 1.030   -18.863 0.247   1.00 10.00 ? 1  DT A N3     1 
ATOM 13  C C4     . DT A 1 1  ? 1.750   -17.884 -0.318  1.00 10.00 ? 1  DT A C4     1 
ATOM 14  O O4     . DT A 1 1  ? 2.848   -17.636 0.116   1.00 10.00 ? 1  DT A O4     1 
ATOM 15  C C5     . DT A 1 1  ? 1.112   -17.280 -1.444  1.00 10.00 ? 1  DT A C5     1 
ATOM 16  C C7     . DT A 1 1  ? 1.745   -16.118 -2.090  1.00 10.00 ? 1  DT A C7     1 
ATOM 17  C C6     . DT A 1 1  ? -0.067  -17.732 -1.894  1.00 10.00 ? 1  DT A C6     1 
ATOM 18  H "H5'"  . DT A 1 1  ? -3.104  -18.761 -5.400  1.00 10.00 ? 1  DT A "H5'"  1 
ATOM 19  H "H5''" . DT A 1 1  ? -4.178  -18.385 -5.010  1.00 10.00 ? 1  DT A "H5''" 1 
ATOM 20  H "H4'"  . DT A 1 1  ? -3.584  -20.299 -3.859  1.00 10.00 ? 1  DT A "H4'"  1 
ATOM 21  H "H3'"  . DT A 1 1  ? -4.758  -18.112 -2.733  1.00 10.00 ? 1  DT A "H3'"  1 
ATOM 22  H "H2'"  . DT A 1 1  ? -2.782  -17.443 -1.642  1.00 10.00 ? 1  DT A "H2'"  1 
ATOM 23  H "H2''" . DT A 1 1  ? -3.359  -18.630 -0.434  1.00 10.00 ? 1  DT A "H2''" 1 
ATOM 24  H "H1'"  . DT A 1 1  ? -2.154  -20.298 -1.484  1.00 10.00 ? 1  DT A "H1'"  1 
ATOM 25  H H3     . DT A 1 1  ? 1.329   -19.189 1.135   1.00 10.00 ? 1  DT A H3     1 
ATOM 26  H H71    . DT A 1 1  ? 1.711   -15.720 -2.275  1.00 10.00 ? 1  DT A H71    1 
ATOM 27  H H72    . DT A 1 1  ? 2.048   -15.791 -2.066  1.00 10.00 ? 1  DT A H72    1 
ATOM 28  H H73    . DT A 1 1  ? 1.957   -15.999 -2.397  1.00 10.00 ? 1  DT A H73    1 
ATOM 29  H H6     . DT A 1 1  ? -0.535  -17.250 -2.715  1.00 10.00 ? 1  DT A H6     1 
ATOM 30  H "HO5'" . DT A 1 1  ? -3.153  -17.209 -4.562  1.00 10.00 ? 1  DT A "HO5'" 1 
ATOM 31  P P      . DG A 1 2  ? -6.225  -19.896 -1.318  1.00 10.00 ? 2  DG A P      1 
ATOM 32  O OP1    . DG A 1 2  ? -6.718  -21.224 -1.214  1.00 10.00 ? 2  DG A OP1    1 
ATOM 33  O OP2    . DG A 1 2  ? -6.973  -18.929 -2.049  1.00 10.00 ? 2  DG A OP2    1 
ATOM 34  O "O5'"  . DG A 1 2  ? -5.980  -19.353 0.154   1.00 10.00 ? 2  DG A "O5'"  1 
ATOM 35  C "C5'"  . DG A 1 2  ? -6.298  -18.070 0.522   1.00 10.00 ? 2  DG A "C5'"  1 
ATOM 36  C "C4'"  . DG A 1 2  ? -6.209  -17.864 2.024   1.00 10.00 ? 2  DG A "C4'"  1 
ATOM 37  O "O4'"  . DG A 1 2  ? -4.910  -17.949 2.528   1.00 10.00 ? 2  DG A "O4'"  1 
ATOM 38  C "C3'"  . DG A 1 2  ? -6.727  -16.500 2.393   1.00 10.00 ? 2  DG A "C3'"  1 
ATOM 39  O "O3'"  . DG A 1 2  ? -7.415  -16.618 3.594   1.00 10.00 ? 2  DG A "O3'"  1 
ATOM 40  C "C2'"  . DG A 1 2  ? -5.445  -15.723 2.533   1.00 10.00 ? 2  DG A "C2'"  1 
ATOM 41  C "C1'"  . DG A 1 2  ? -4.455  -16.716 3.025   1.00 10.00 ? 2  DG A "C1'"  1 
ATOM 42  N N9     . DG A 1 2  ? -3.127  -16.473 2.508   1.00 10.00 ? 2  DG A N9     1 
ATOM 43  C C8     . DG A 1 2  ? -2.764  -16.410 1.213   1.00 10.00 ? 2  DG A C8     1 
ATOM 44  N N7     . DG A 1 2  ? -1.499  -16.305 1.033   1.00 10.00 ? 2  DG A N7     1 
ATOM 45  C C5     . DG A 1 2  ? -0.980  -16.279 2.310   1.00 10.00 ? 2  DG A C5     1 
ATOM 46  C C6     . DG A 1 2  ? 0.346   -16.178 2.772   1.00 10.00 ? 2  DG A C6     1 
ATOM 47  O O6     . DG A 1 2  ? 1.344   -16.118 2.118   1.00 10.00 ? 2  DG A O6     1 
ATOM 48  N N1     . DG A 1 2  ? 0.459   -16.153 4.138   1.00 10.00 ? 2  DG A N1     1 
ATOM 49  C C2     . DG A 1 2  ? -0.591  -16.225 4.977   1.00 10.00 ? 2  DG A C2     1 
ATOM 50  N N2     . DG A 1 2  ? -0.368  -16.160 6.265   1.00 10.00 ? 2  DG A N2     1 
ATOM 51  N N3     . DG A 1 2  ? -1.837  -16.331 4.557   1.00 10.00 ? 2  DG A N3     1 
ATOM 52  C C4     . DG A 1 2  ? -1.972  -16.358 3.220   1.00 10.00 ? 2  DG A C4     1 
ATOM 53  H "H5'"  . DG A 1 2  ? -7.298  -17.899 0.216   1.00 10.00 ? 2  DG A "H5'"  1 
ATOM 54  H "H5''" . DG A 1 2  ? -5.674  -17.376 0.038   1.00 10.00 ? 2  DG A "H5''" 1 
ATOM 55  H "H4'"  . DG A 1 2  ? -6.817  -18.611 2.468   1.00 10.00 ? 2  DG A "H4'"  1 
ATOM 56  H "H3'"  . DG A 1 2  ? -7.332  -16.092 1.595   1.00 10.00 ? 2  DG A "H3'"  1 
ATOM 57  H "H2'"  . DG A 1 2  ? -5.152  -15.329 1.599   1.00 10.00 ? 2  DG A "H2'"  1 
ATOM 58  H "H2''" . DG A 1 2  ? -5.542  -14.924 3.218   1.00 10.00 ? 2  DG A "H2''" 1 
ATOM 59  H "H1'"  . DG A 1 2  ? -4.437  -16.652 4.094   1.00 10.00 ? 2  DG A "H1'"  1 
ATOM 60  H H8     . DG A 1 2  ? -3.499  -16.455 0.435   1.00 10.00 ? 2  DG A H8     1 
ATOM 61  H H1     . DG A 1 2  ? 1.393   -16.092 4.505   1.00 10.00 ? 2  DG A H1     1 
ATOM 62  H H21    . DG A 1 2  ? 0.545   -16.050 6.627   1.00 10.00 ? 2  DG A H21    1 
ATOM 63  H H22    . DG A 1 2  ? -1.125  -16.179 6.869   1.00 10.00 ? 2  DG A H22    1 
ATOM 64  P P      . DT A 1 3  ? -7.976  -15.390 4.402   1.00 10.00 ? 3  DT A P      1 
ATOM 65  O OP1    . DT A 1 3  ? -9.048  -15.853 5.231   1.00 10.00 ? 3  DT A OP1    1 
ATOM 66  O OP2    . DT A 1 3  ? -8.191  -14.314 3.477   1.00 10.00 ? 3  DT A OP2    1 
ATOM 67  O "O5'"  . DT A 1 3  ? -6.761  -15.002 5.351   1.00 10.00 ? 3  DT A "O5'"  1 
ATOM 68  C "C5'"  . DT A 1 3  ? -6.524  -13.715 5.770   1.00 10.00 ? 3  DT A "C5'"  1 
ATOM 69  C "C4'"  . DT A 1 3  ? -5.389  -13.608 6.769   1.00 10.00 ? 3  DT A "C4'"  1 
ATOM 70  O "O4'"  . DT A 1 3  ? -4.162  -13.988 6.256   1.00 10.00 ? 3  DT A "O4'"  1 
ATOM 71  C "C3'"  . DT A 1 3  ? -5.232  -12.198 7.246   1.00 10.00 ? 3  DT A "C3'"  1 
ATOM 72  O "O3'"  . DT A 1 3  ? -4.974  -12.179 8.622   1.00 10.00 ? 3  DT A "O3'"  1 
ATOM 73  C "C2'"  . DT A 1 3  ? -4.086  -11.711 6.459   1.00 10.00 ? 3  DT A "C2'"  1 
ATOM 74  C "C1'"  . DT A 1 3  ? -3.268  -12.914 6.288   1.00 10.00 ? 3  DT A "C1'"  1 
ATOM 75  N N1     . DT A 1 3  ? -2.504  -12.898 5.058   1.00 10.00 ? 3  DT A N1     1 
ATOM 76  C C2     . DT A 1 3  ? -1.147  -12.914 5.112   1.00 10.00 ? 3  DT A C2     1 
ATOM 77  O O2     . DT A 1 3  ? -0.518  -12.882 6.137   1.00 10.00 ? 3  DT A O2     1 
ATOM 78  N N3     . DT A 1 3  ? -0.509  -12.936 3.927   1.00 10.00 ? 3  DT A N3     1 
ATOM 79  C C4     . DT A 1 3  ? -1.100  -12.925 2.703   1.00 10.00 ? 3  DT A C4     1 
ATOM 80  O O4     . DT A 1 3  ? -0.419  -12.981 1.722   1.00 10.00 ? 3  DT A O4     1 
ATOM 81  C C5     . DT A 1 3  ? -2.528  -12.912 2.719   1.00 10.00 ? 3  DT A C5     1 
ATOM 82  C C7     . DT A 1 3  ? -3.290  -12.810 1.434   1.00 10.00 ? 3  DT A C7     1 
ATOM 83  C C6     . DT A 1 3  ? -3.164  -12.914 3.884   1.00 10.00 ? 3  DT A C6     1 
ATOM 84  H "H5'"  . DT A 1 3  ? -7.397  -13.386 6.235   1.00 10.00 ? 3  DT A "H5'"  1 
ATOM 85  H "H5''" . DT A 1 3  ? -6.346  -13.105 4.942   1.00 10.00 ? 3  DT A "H5''" 1 
ATOM 86  H "H4'"  . DT A 1 3  ? -5.603  -14.243 7.575   1.00 10.00 ? 3  DT A "H4'"  1 
ATOM 87  H "H3'"  . DT A 1 3  ? -6.053  -11.623 6.932   1.00 10.00 ? 3  DT A "H3'"  1 
ATOM 88  H "H2'"  . DT A 1 3  ? -4.418  -11.384 5.519   1.00 10.00 ? 3  DT A "H2'"  1 
ATOM 89  H "H2''" . DT A 1 3  ? -3.578  -10.938 6.981   1.00 10.00 ? 3  DT A "H2''" 1 
ATOM 90  H "H1'"  . DT A 1 3  ? -2.664  -12.833 7.149   1.00 10.00 ? 3  DT A "H1'"  1 
ATOM 91  H H3     . DT A 1 3  ? 0.477   -12.965 3.981   1.00 10.00 ? 3  DT A H3     1 
ATOM 92  H H71    . DT A 1 3  ? -3.956  -12.915 1.311   1.00 10.00 ? 3  DT A H71    1 
ATOM 93  H H72    . DT A 1 3  ? -3.338  -12.267 1.074   1.00 10.00 ? 3  DT A H72    1 
ATOM 94  H H73    . DT A 1 3  ? -3.118  -13.164 0.953   1.00 10.00 ? 3  DT A H73    1 
ATOM 95  H H6     . DT A 1 3  ? -4.226  -12.940 3.990   1.00 10.00 ? 3  DT A H6     1 
ATOM 96  P P      . DG A 1 4  ? -4.933  -10.875 9.497   1.00 10.00 ? 4  DG A P      1 
ATOM 97  O OP1    . DG A 1 4  ? -4.991  -11.252 10.882  1.00 10.00 ? 4  DG A OP1    1 
ATOM 98  O OP2    . DG A 1 4  ? -5.909  -10.000 8.959   1.00 10.00 ? 4  DG A OP2    1 
ATOM 99  O "O5'"  . DG A 1 4  ? -3.527  -10.244 9.239   1.00 10.00 ? 4  DG A "O5'"  1 
ATOM 100 C "C5'"  . DG A 1 4  ? -2.439  -10.398 10.073  1.00 10.00 ? 4  DG A "C5'"  1 
ATOM 101 C "C4'"  . DG A 1 4  ? -1.219  -9.688  9.569   1.00 10.00 ? 4  DG A "C4'"  1 
ATOM 102 O "O4'"  . DG A 1 4  ? -0.897  -10.174 8.277   1.00 10.00 ? 4  DG A "O4'"  1 
ATOM 103 C "C3'"  . DG A 1 4  ? -1.489  -8.229  9.320   1.00 10.00 ? 4  DG A "C3'"  1 
ATOM 104 O "O3'"  . DG A 1 4  ? -1.174  -7.296  10.328  1.00 10.00 ? 4  DG A "O3'"  1 
ATOM 105 C "C2'"  . DG A 1 4  ? -0.944  -7.903  7.962   1.00 10.00 ? 4  DG A "C2'"  1 
ATOM 106 C "C1'"  . DG A 1 4  ? -0.342  -9.167  7.501   1.00 10.00 ? 4  DG A "C1'"  1 
ATOM 107 N N9     . DG A 1 4  ? -0.365  -9.374  6.036   1.00 10.00 ? 4  DG A N9     1 
ATOM 108 C C8     . DG A 1 4  ? -1.392  -9.270  5.154   1.00 10.00 ? 4  DG A C8     1 
ATOM 109 N N7     . DG A 1 4  ? -1.119  -9.533  3.934   1.00 10.00 ? 4  DG A N7     1 
ATOM 110 C C5     . DG A 1 4  ? 0.223   -9.737  3.975   1.00 10.00 ? 4  DG A C5     1 
ATOM 111 C C6     . DG A 1 4  ? 1.111   -9.932  2.918   1.00 10.00 ? 4  DG A C6     1 
ATOM 112 O O6     . DG A 1 4  ? 0.843   -10.115 1.753   1.00 10.00 ? 4  DG A O6     1 
ATOM 113 N N1     . DG A 1 4  ? 2.422   -9.837  3.303   1.00 10.00 ? 4  DG A N1     1 
ATOM 114 C C2     . DG A 1 4  ? 2.838   -9.651  4.582   1.00 10.00 ? 4  DG A C2     1 
ATOM 115 N N2     . DG A 1 4  ? 4.127   -9.561  4.807   1.00 10.00 ? 4  DG A N2     1 
ATOM 116 N N3     . DG A 1 4  ? 2.009   -9.526  5.594   1.00 10.00 ? 4  DG A N3     1 
ATOM 117 C C4     . DG A 1 4  ? 0.711   -9.564  5.235   1.00 10.00 ? 4  DG A C4     1 
ATOM 118 H "H5'"  . DG A 1 4  ? -2.208  -11.416 10.153  1.00 10.00 ? 4  DG A "H5'"  1 
ATOM 119 H "H5''" . DG A 1 4  ? -2.676  -10.032 11.038  1.00 10.00 ? 4  DG A "H5''" 1 
ATOM 120 H "H4'"  . DG A 1 4  ? -0.467  -9.882  10.340  1.00 10.00 ? 4  DG A "H4'"  1 
ATOM 121 H "H3'"  . DG A 1 4  ? -2.521  -8.146  9.119   1.00 10.00 ? 4  DG A "H3'"  1 
ATOM 122 H "H2'"  . DG A 1 4  ? -1.718  -7.669  7.298   1.00 10.00 ? 4  DG A "H2'"  1 
ATOM 123 H "H2''" . DG A 1 4  ? -0.250  -7.117  7.969   1.00 10.00 ? 4  DG A "H2''" 1 
ATOM 124 H "H1'"  . DG A 1 4  ? 0.648   -9.076  7.771   1.00 10.00 ? 4  DG A "H1'"  1 
ATOM 125 H H8     . DG A 1 4  ? -2.349  -8.951  5.404   1.00 10.00 ? 4  DG A H8     1 
ATOM 126 H H1     . DG A 1 4  ? 3.088   -9.924  2.570   1.00 10.00 ? 4  DG A H1     1 
ATOM 127 H H21    . DG A 1 4  ? 4.762   -9.518  4.058   1.00 10.00 ? 4  DG A H21    1 
ATOM 128 H H22    . DG A 1 4  ? 4.444   -9.471  5.729   1.00 10.00 ? 4  DG A H22    1 
ATOM 129 P P      . DA A 1 5  ? 0.235   -7.142  11.089  1.00 10.00 ? 5  DA A P      1 
ATOM 130 O OP1    . DA A 1 5  ? 0.558   -8.395  11.735  1.00 10.00 ? 5  DA A OP1    1 
ATOM 131 O OP2    . DA A 1 5  ? 0.147   -5.940  11.889  1.00 10.00 ? 5  DA A OP2    1 
ATOM 132 O "O5'"  . DA A 1 5  ? 1.325   -6.877  9.961   1.00 10.00 ? 5  DA A "O5'"  1 
ATOM 133 C "C5'"  . DA A 1 5  ? 1.620   -5.595  9.509   1.00 10.00 ? 5  DA A "C5'"  1 
ATOM 134 C "C4'"  . DA A 1 5  ? 2.610   -5.670  8.364   1.00 10.00 ? 5  DA A "C4'"  1 
ATOM 135 O "O4'"  . DA A 1 5  ? 2.082   -6.395  7.299   1.00 10.00 ? 5  DA A "O4'"  1 
ATOM 136 C "C3'"  . DA A 1 5  ? 2.920   -4.326  7.756   1.00 10.00 ? 5  DA A "C3'"  1 
ATOM 137 O "O3'"  . DA A 1 5  ? 3.872   -3.595  8.483   1.00 10.00 ? 5  DA A "O3'"  1 
ATOM 138 C "C2'"  . DA A 1 5  ? 3.404   -4.695  6.385   1.00 10.00 ? 5  DA A "C2'"  1 
ATOM 139 C "C1'"  . DA A 1 5  ? 2.789   -6.040  6.156   1.00 10.00 ? 5  DA A "C1'"  1 
ATOM 140 N N9     . DA A 1 5  ? 1.914   -6.101  4.986   1.00 10.00 ? 5  DA A N9     1 
ATOM 141 C C8     . DA A 1 5  ? 0.556   -6.038  4.936   1.00 10.00 ? 5  DA A C8     1 
ATOM 142 N N7     . DA A 1 5  ? 0.045   -6.295  3.775   1.00 10.00 ? 5  DA A N7     1 
ATOM 143 C C5     . DA A 1 5  ? 1.155   -6.504  2.994   1.00 10.00 ? 5  DA A C5     1 
ATOM 144 C C6     . DA A 1 5  ? 1.319   -6.854  1.667   1.00 10.00 ? 5  DA A C6     1 
ATOM 145 N N6     . DA A 1 5  ? 0.294   -7.135  0.884   1.00 10.00 ? 5  DA A N6     1 
ATOM 146 N N1     . DA A 1 5  ? 2.552   -6.967  1.189   1.00 10.00 ? 5  DA A N1     1 
ATOM 147 C C2     . DA A 1 5  ? 3.580   -6.765  1.993   1.00 10.00 ? 5  DA A C2     1 
ATOM 148 N N3     . DA A 1 5  ? 3.560   -6.459  3.263   1.00 10.00 ? 5  DA A N3     1 
ATOM 149 C C4     . DA A 1 5  ? 2.301   -6.341  3.714   1.00 10.00 ? 5  DA A C4     1 
ATOM 150 H "H5'"  . DA A 1 5  ? 2.043   -5.034  10.318  1.00 10.00 ? 5  DA A "H5'"  1 
ATOM 151 H "H5''" . DA A 1 5  ? 0.728   -5.111  9.176   1.00 10.00 ? 5  DA A "H5''" 1 
ATOM 152 H "H4'"  . DA A 1 5  ? 3.519   -6.143  8.689   1.00 10.00 ? 5  DA A "H4'"  1 
ATOM 153 H "H3'"  . DA A 1 5  ? 1.983   -3.832  7.619   1.00 10.00 ? 5  DA A "H3'"  1 
ATOM 154 H "H2'"  . DA A 1 5  ? 3.051   -4.038  5.641   1.00 10.00 ? 5  DA A "H2'"  1 
ATOM 155 H "H2''" . DA A 1 5  ? 4.474   -4.754  6.333   1.00 10.00 ? 5  DA A "H2''" 1 
ATOM 156 H "H1'"  . DA A 1 5  ? 3.620   -6.677  6.069   1.00 10.00 ? 5  DA A "H1'"  1 
ATOM 157 H H8     . DA A 1 5  ? -0.026  -5.830  5.797   1.00 10.00 ? 5  DA A H8     1 
ATOM 158 H H61    . DA A 1 5  ? 0.463   -7.484  -0.014  1.00 10.00 ? 5  DA A H61    1 
ATOM 159 H H62    . DA A 1 5  ? -0.607  -7.088  1.254   1.00 10.00 ? 5  DA A H62    1 
ATOM 160 H H2     . DA A 1 5  ? 4.549   -6.855  1.574   1.00 10.00 ? 5  DA A H2     1 
ATOM 161 P P      . DG A 1 6  ? 4.113   -2.039  8.236   1.00 10.00 ? 6  DG A P      1 
ATOM 162 O OP1    . DG A 1 6  ? 5.075   -1.566  9.232   1.00 10.00 ? 6  DG A OP1    1 
ATOM 163 O OP2    . DG A 1 6  ? 2.805   -1.400  8.120   1.00 10.00 ? 6  DG A OP2    1 
ATOM 164 O "O5'"  . DG A 1 6  ? 4.810   -1.964  6.806   1.00 10.00 ? 6  DG A "O5'"  1 
ATOM 165 C "C5'"  . DG A 1 6  ? 6.166   -2.253  6.610   1.00 10.00 ? 6  DG A "C5'"  1 
ATOM 166 C "C4'"  . DG A 1 6  ? 6.567   -2.012  5.158   1.00 10.00 ? 6  DG A "C4'"  1 
ATOM 167 O "O4'"  . DG A 1 6  ? 5.803   -2.802  4.282   1.00 10.00 ? 6  DG A "O4'"  1 
ATOM 168 C "C3'"  . DG A 1 6  ? 6.461   -0.563  4.732   1.00 10.00 ? 6  DG A "C3'"  1 
ATOM 169 O "O3'"  . DG A 1 6  ? 7.571   -0.255  3.917   1.00 10.00 ? 6  DG A "O3'"  1 
ATOM 170 C "C2'"  . DG A 1 6  ? 5.170   -0.625  3.976   1.00 10.00 ? 6  DG A "C2'"  1 
ATOM 171 C "C1'"  . DG A 1 6  ? 5.302   -1.957  3.287   1.00 10.00 ? 6  DG A "C1'"  1 
ATOM 172 N N9     . DG A 1 6  ? 4.046   -2.485  2.764   1.00 10.00 ? 6  DG A N9     1 
ATOM 173 C C8     . DG A 1 6  ? 2.870   -2.592  3.421   1.00 10.00 ? 6  DG A C8     1 
ATOM 174 N N7     . DG A 1 6  ? 1.907   -3.097  2.714   1.00 10.00 ? 6  DG A N7     1 
ATOM 175 C C5     . DG A 1 6  ? 2.504   -3.364  1.499   1.00 10.00 ? 6  DG A C5     1 
ATOM 176 C C6     . DG A 1 6  ? 1.973   -3.905  0.302   1.00 10.00 ? 6  DG A C6     1 
ATOM 177 O O6     . DG A 1 6  ? 0.831   -4.251  0.069   1.00 10.00 ? 6  DG A O6     1 
ATOM 178 N N1     . DG A 1 6  ? 2.915   -4.034  -0.697  1.00 10.00 ? 6  DG A N1     1 
ATOM 179 C C2     . DG A 1 6  ? 4.219   -3.658  -0.570  1.00 10.00 ? 6  DG A C2     1 
ATOM 180 N N2     . DG A 1 6  ? 5.013   -3.772  -1.603  1.00 10.00 ? 6  DG A N2     1 
ATOM 181 N N3     . DG A 1 6  ? 4.719   -3.130  0.532   1.00 10.00 ? 6  DG A N3     1 
ATOM 182 C C4     . DG A 1 6  ? 3.822   -3.016  1.531   1.00 10.00 ? 6  DG A C4     1 
ATOM 183 H "H5'"  . DG A 1 6  ? 6.360   -3.276  6.867   1.00 10.00 ? 6  DG A "H5'"  1 
ATOM 184 H "H5''" . DG A 1 6  ? 6.767   -1.628  7.243   1.00 10.00 ? 6  DG A "H5''" 1 
ATOM 185 H "H4'"  . DG A 1 6  ? 7.589   -2.291  5.010   1.00 10.00 ? 6  DG A "H4'"  1 
ATOM 186 H "H3'"  . DG A 1 6  ? 6.345   0.088   5.578   1.00 10.00 ? 6  DG A "H3'"  1 
ATOM 187 H "H2'"  . DG A 1 6  ? 4.396   -0.656  4.719   1.00 10.00 ? 6  DG A "H2'"  1 
ATOM 188 H "H2''" . DG A 1 6  ? 5.061   0.217   3.331   1.00 10.00 ? 6  DG A "H2''" 1 
ATOM 189 H "H1'"  . DG A 1 6  ? 5.990   -1.802  2.483   1.00 10.00 ? 6  DG A "H1'"  1 
ATOM 190 H H8     . DG A 1 6  ? 2.812   -2.264  4.440   1.00 10.00 ? 6  DG A H8     1 
ATOM 191 H H1     . DG A 1 6  ? 2.589   -4.441  -1.555  1.00 10.00 ? 6  DG A H1     1 
ATOM 192 H H21    . DG A 1 6  ? 4.683   -4.154  -2.452  1.00 10.00 ? 6  DG A H21    1 
ATOM 193 H H22    . DG A 1 6  ? 5.944   -3.495  -1.515  1.00 10.00 ? 6  DG A H22    1 
ATOM 194 P P      . DC A 1 7  ? 7.850   1.170   3.264   1.00 10.00 ? 7  DC A P      1 
ATOM 195 O OP1    . DC A 1 7  ? 9.230   1.530   3.548   1.00 10.00 ? 7  DC A OP1    1 
ATOM 196 O OP2    . DC A 1 7  ? 6.768   2.075   3.635   1.00 10.00 ? 7  DC A OP2    1 
ATOM 197 O "O5'"  . DC A 1 7  ? 7.739   0.878   1.700   1.00 10.00 ? 7  DC A "O5'"  1 
ATOM 198 C "C5'"  . DC A 1 7  ? 8.685   0.093   1.026   1.00 10.00 ? 7  DC A "C5'"  1 
ATOM 199 C "C4'"  . DC A 1 7  ? 8.410   -0.049  -0.457  1.00 10.00 ? 7  DC A "C4'"  1 
ATOM 200 O "O4'"  . DC A 1 7  ? 7.130   -0.608  -0.650  1.00 10.00 ? 7  DC A "O4'"  1 
ATOM 201 C "C3'"  . DC A 1 7  ? 8.480   1.244   -1.235  1.00 10.00 ? 7  DC A "C3'"  1 
ATOM 202 O "O3'"  . DC A 1 7  ? 9.208   1.038   -2.429  1.00 10.00 ? 7  DC A "O3'"  1 
ATOM 203 C "C2'"  . DC A 1 7  ? 7.032   1.544   -1.511  1.00 10.00 ? 7  DC A "C2'"  1 
ATOM 204 C "C1'"  . DC A 1 7  ? 6.407   0.168   -1.554  1.00 10.00 ? 7  DC A "C1'"  1 
ATOM 205 N N1     . DC A 1 7  ? 4.961   0.116   -1.196  1.00 10.00 ? 7  DC A N1     1 
ATOM 206 C C2     . DC A 1 7  ? 4.059   -0.365  -2.123  1.00 10.00 ? 7  DC A C2     1 
ATOM 207 O O2     . DC A 1 7  ? 4.371   -0.535  -3.284  1.00 10.00 ? 7  DC A O2     1 
ATOM 208 N N3     . DC A 1 7  ? 2.798   -0.666  -1.736  1.00 10.00 ? 7  DC A N3     1 
ATOM 209 C C4     . DC A 1 7  ? 2.423   -0.482  -0.481  1.00 10.00 ? 7  DC A C4     1 
ATOM 210 N N4     . DC A 1 7  ? 1.209   -0.825  -0.116  1.00 10.00 ? 7  DC A N4     1 
ATOM 211 C C5     . DC A 1 7  ? 3.312   -0.016  0.505   1.00 10.00 ? 7  DC A C5     1 
ATOM 212 C C6     . DC A 1 7  ? 4.567   0.286   0.101   1.00 10.00 ? 7  DC A C6     1 
ATOM 213 H "H5'"  . DC A 1 7  ? 8.703   -0.884  1.445   1.00 10.00 ? 7  DC A "H5'"  1 
ATOM 214 H "H5''" . DC A 1 7  ? 9.644   0.535   1.159   1.00 10.00 ? 7  DC A "H5''" 1 
ATOM 215 H "H4'"  . DC A 1 7  ? 9.128   -0.742  -0.859  1.00 10.00 ? 7  DC A "H4'"  1 
ATOM 216 H "H3'"  . DC A 1 7  ? 8.920   2.020   -0.644  1.00 10.00 ? 7  DC A "H3'"  1 
ATOM 217 H "H2'"  . DC A 1 7  ? 6.644   2.164   -0.720  1.00 10.00 ? 7  DC A "H2'"  1 
ATOM 218 H "H2''" . DC A 1 7  ? 6.928   2.028   -2.459  1.00 10.00 ? 7  DC A "H2''" 1 
ATOM 219 H "H1'"  . DC A 1 7  ? 6.601   -0.210  -2.544  1.00 10.00 ? 7  DC A "H1'"  1 
ATOM 220 H H41    . DC A 1 7  ? 0.587   -1.170  -0.800  1.00 10.00 ? 7  DC A H41    1 
ATOM 221 H H42    . DC A 1 7  ? 0.920   -0.755  0.816   1.00 10.00 ? 7  DC A H42    1 
ATOM 222 H H5     . DC A 1 7  ? 2.996   0.028   1.529   1.00 10.00 ? 7  DC A H5     1 
ATOM 223 H H6     . DC A 1 7  ? 5.301   0.667   0.777   1.00 10.00 ? 7  DC A H6     1 
ATOM 224 P P      . DG A 1 8  ? 9.718   2.229   -3.355  1.00 10.00 ? 8  DG A P      1 
ATOM 225 O OP1    . DG A 1 8  ? 10.783  1.703   -4.196  1.00 10.00 ? 8  DG A OP1    1 
ATOM 226 O OP2    . DG A 1 8  ? 9.966   3.384   -2.517  1.00 10.00 ? 8  DG A OP2    1 
ATOM 227 O "O5'"  . DG A 1 8  ? 8.475   2.563   -4.293  1.00 10.00 ? 8  DG A "O5'"  1 
ATOM 228 C "C5'"  . DG A 1 8  ? 8.270   1.918   -5.505  1.00 10.00 ? 8  DG A "C5'"  1 
ATOM 229 C "C4'"  . DG A 1 8  ? 6.966   2.287   -6.180  1.00 10.00 ? 8  DG A "C4'"  1 
ATOM 230 O "O4'"  . DG A 1 8  ? 5.867   1.848   -5.424  1.00 10.00 ? 8  DG A "O4'"  1 
ATOM 231 C "C3'"  . DG A 1 8  ? 6.759   3.769   -6.410  1.00 10.00 ? 8  DG A "C3'"  1 
ATOM 232 O "O3'"  . DG A 1 8  ? 6.367   3.958   -7.743  1.00 10.00 ? 8  DG A "O3'"  1 
ATOM 233 C "C2'"  . DG A 1 8  ? 5.657   4.112   -5.429  1.00 10.00 ? 8  DG A "C2'"  1 
ATOM 234 C "C1'"  . DG A 1 8  ? 4.891   2.829   -5.503  1.00 10.00 ? 8  DG A "C1'"  1 
ATOM 235 N N9     . DG A 1 8  ? 3.881   2.682   -4.451  1.00 10.00 ? 8  DG A N9     1 
ATOM 236 C C8     . DG A 1 8  ? 3.908   3.137   -3.170  1.00 10.00 ? 8  DG A C8     1 
ATOM 237 N N7     . DG A 1 8  ? 2.879   2.815   -2.463  1.00 10.00 ? 8  DG A N7     1 
ATOM 238 C C5     . DG A 1 8  ? 2.091   2.109   -3.353  1.00 10.00 ? 8  DG A C5     1 
ATOM 239 C C6     . DG A 1 8  ? 0.818   1.525   -3.175  1.00 10.00 ? 8  DG A C6     1 
ATOM 240 O O6     . DG A 1 8  ? 0.157   1.464   -2.156  1.00 10.00 ? 8  DG A O6     1 
ATOM 241 N N1     . DG A 1 8  ? 0.320   0.979   -4.335  1.00 10.00 ? 8  DG A N1     1 
ATOM 242 C C2     . DG A 1 8  ? 0.978   0.966   -5.529  1.00 10.00 ? 8  DG A C2     1 
ATOM 243 N N2     . DG A 1 8  ? 0.395   0.406   -6.564  1.00 10.00 ? 8  DG A N2     1 
ATOM 244 N N3     . DG A 1 8  ? 2.177   1.493   -5.708  1.00 10.00 ? 8  DG A N3     1 
ATOM 245 C C4     . DG A 1 8  ? 2.685   2.047   -4.581  1.00 10.00 ? 8  DG A C4     1 
ATOM 246 H "H5'"  . DG A 1 8  ? 8.272   0.872   -5.351  1.00 10.00 ? 8  DG A "H5'"  1 
ATOM 247 H "H5''" . DG A 1 8  ? 9.062   2.167   -6.160  1.00 10.00 ? 8  DG A "H5''" 1 
ATOM 248 H "H4'"  . DG A 1 8  ? 6.976   1.767   -7.125  1.00 10.00 ? 8  DG A "H4'"  1 
ATOM 249 H "H3'"  . DG A 1 8  ? 7.650   4.302   -6.197  1.00 10.00 ? 8  DG A "H3'"  1 
ATOM 250 H "H2'"  . DG A 1 8  ? 6.109   4.248   -4.464  1.00 10.00 ? 8  DG A "H2'"  1 
ATOM 251 H "H2''" . DG A 1 8  ? 5.027   4.949   -5.669  1.00 10.00 ? 8  DG A "H2''" 1 
ATOM 252 H "H1'"  . DG A 1 8  ? 4.441   2.805   -6.472  1.00 10.00 ? 8  DG A "H1'"  1 
ATOM 253 H H8     . DG A 1 8  ? 4.711   3.726   -2.799  1.00 10.00 ? 8  DG A H8     1 
ATOM 254 H H1     . DG A 1 8  ? -0.595  0.570   -4.273  1.00 10.00 ? 8  DG A H1     1 
ATOM 255 H H21    . DG A 1 8  ? -0.501  -0.011  -6.486  1.00 10.00 ? 8  DG A H21    1 
ATOM 256 H H22    . DG A 1 8  ? 0.873   0.394   -7.421  1.00 10.00 ? 8  DG A H22    1 
ATOM 257 P P      . DC A 1 9  ? 6.382   5.356   -8.465  1.00 10.00 ? 9  DC A P      1 
ATOM 258 O OP1    . DC A 1 9  ? 7.391   5.355   -9.366  1.00 10.00 ? 9  DC A OP1    1 
ATOM 259 O OP2    . DC A 1 9  ? 6.302   6.397   -7.549  1.00 10.00 ? 9  DC A OP2    1 
ATOM 260 O "O5'"  . DC A 1 9  ? 5.110   5.307   -9.198  1.00 10.00 ? 9  DC A "O5'"  1 
ATOM 261 C "C5'"  . DC A 1 9  ? 4.585   4.539   -10.163 1.00 10.00 ? 9  DC A "C5'"  1 
ATOM 262 C "C4'"  . DC A 1 9  ? 3.096   4.439   -10.053 1.00 10.00 ? 9  DC A "C4'"  1 
ATOM 263 O "O4'"  . DC A 1 9  ? 2.765   3.930   -8.810  1.00 10.00 ? 9  DC A "O4'"  1 
ATOM 264 C "C3'"  . DC A 1 9  ? 2.392   5.747   -10.171 1.00 10.00 ? 9  DC A "C3'"  1 
ATOM 265 O "O3'"  . DC A 1 9  ? 2.014   5.995   -11.490 1.00 10.00 ? 9  DC A "O3'"  1 
ATOM 266 C "C2'"  . DC A 1 9  ? 1.210   5.588   -9.279  1.00 10.00 ? 9  DC A "C2'"  1 
ATOM 267 C "C1'"  . DC A 1 9  ? 1.468   4.322   -8.538  1.00 10.00 ? 9  DC A "C1'"  1 
ATOM 268 N N1     . DC A 1 9  ? 1.281   4.500   -7.094  1.00 10.00 ? 9  DC A N1     1 
ATOM 269 C C2     . DC A 1 9  ? 0.120   4.084   -6.512  1.00 10.00 ? 9  DC A C2     1 
ATOM 270 O O2     . DC A 1 9  ? -0.733  3.516   -7.158  1.00 10.00 ? 9  DC A O2     1 
ATOM 271 N N3     . DC A 1 9  ? -0.086  4.311   -5.189  1.00 10.00 ? 9  DC A N3     1 
ATOM 272 C C4     . DC A 1 9  ? 0.826   4.947   -4.477  1.00 10.00 ? 9  DC A C4     1 
ATOM 273 N N4     . DC A 1 9  ? 0.595   5.128   -3.201  1.00 10.00 ? 9  DC A N4     1 
ATOM 274 C C5     . DC A 1 9  ? 2.028   5.407   -5.059  1.00 10.00 ? 9  DC A C5     1 
ATOM 275 C C6     . DC A 1 9  ? 2.212   5.154   -6.362  1.00 10.00 ? 9  DC A C6     1 
ATOM 276 H "H5'"  . DC A 1 9  ? 5.015   3.593   -10.078 1.00 10.00 ? 9  DC A "H5'"  1 
ATOM 277 H "H5''" . DC A 1 9  ? 4.804   4.932   -11.097 1.00 10.00 ? 9  DC A "H5''" 1 
ATOM 278 H "H4'"  . DC A 1 9  ? 2.701   3.795   -10.807 1.00 10.00 ? 9  DC A "H4'"  1 
ATOM 279 H "H3'"  . DC A 1 9  ? 2.998   6.487   -9.718  1.00 10.00 ? 9  DC A "H3'"  1 
ATOM 280 H "H2'"  . DC A 1 9  ? 1.167   6.406   -8.597  1.00 10.00 ? 9  DC A "H2'"  1 
ATOM 281 H "H2''" . DC A 1 9  ? 0.297   5.510   -9.827  1.00 10.00 ? 9  DC A "H2''" 1 
ATOM 282 H "H1'"  . DC A 1 9  ? 0.849   3.588   -8.991  1.00 10.00 ? 9  DC A "H1'"  1 
ATOM 283 H H41    . DC A 1 9  ? -0.242  4.781   -2.807  1.00 10.00 ? 9  DC A H41    1 
ATOM 284 H H42    . DC A 1 9  ? 1.244   5.566   -2.650  1.00 10.00 ? 9  DC A H42    1 
ATOM 285 H H5     . DC A 1 9  ? 2.789   5.930   -4.530  1.00 10.00 ? 9  DC A H5     1 
ATOM 286 H H6     . DC A 1 9  ? 3.100   5.497   -6.842  1.00 10.00 ? 9  DC A H6     1 
ATOM 287 P P      . DT A 1 10 ? 1.961   7.438   -12.099 1.00 10.00 ? 10 DT A P      1 
ATOM 288 O OP1    . DT A 1 10 ? 1.464   7.324   -13.440 1.00 10.00 ? 10 DT A OP1    1 
ATOM 289 O OP2    . DT A 1 10 ? 3.213   8.075   -11.852 1.00 10.00 ? 10 DT A OP2    1 
ATOM 290 O "O5'"  . DT A 1 10 ? 0.885   8.166   -11.247 1.00 10.00 ? 10 DT A "O5'"  1 
ATOM 291 C "C5'"  . DT A 1 10 ? -0.455  8.078   -11.551 1.00 10.00 ? 10 DT A "C5'"  1 
ATOM 292 C "C4'"  . DT A 1 10 ? -1.266  8.767   -10.507 1.00 10.00 ? 10 DT A "C4'"  1 
ATOM 293 O "O4'"  . DT A 1 10 ? -1.176  8.183   -9.252  1.00 10.00 ? 10 DT A "O4'"  1 
ATOM 294 C "C3'"  . DT A 1 10 ? -1.013  10.237  -10.379 1.00 10.00 ? 10 DT A "C3'"  1 
ATOM 295 O "O3'"  . DT A 1 10 ? -1.746  10.953  -11.329 1.00 10.00 ? 10 DT A "O3'"  1 
ATOM 296 C "C2'"  . DT A 1 10 ? -1.503  10.410  -8.986  1.00 10.00 ? 10 DT A "C2'"  1 
ATOM 297 C "C1'"  . DT A 1 10 ? -1.752  9.074   -8.349  1.00 10.00 ? 10 DT A "C1'"  1 
ATOM 298 N N1     . DT A 1 10 ? -1.145  8.905   -7.034  1.00 10.00 ? 10 DT A N1     1 
ATOM 299 C C2     . DT A 1 10 ? -1.875  8.464   -5.968  1.00 10.00 ? 10 DT A C2     1 
ATOM 300 O O2     . DT A 1 10 ? -3.068  8.301   -5.998  1.00 10.00 ? 10 DT A O2     1 
ATOM 301 N N3     . DT A 1 10 ? -1.173  8.228   -4.820  1.00 10.00 ? 10 DT A N3     1 
ATOM 302 C C4     . DT A 1 10 ? 0.163   8.399   -4.644  1.00 10.00 ? 10 DT A C4     1 
ATOM 303 O O4     . DT A 1 10 ? 0.657   8.151   -3.562  1.00 10.00 ? 10 DT A O4     1 
ATOM 304 C C5     . DT A 1 10 ? 0.859   8.866   -5.811  1.00 10.00 ? 10 DT A C5     1 
ATOM 305 C C7     . DT A 1 10 ? 2.325   9.119   -5.775  1.00 10.00 ? 10 DT A C7     1 
ATOM 306 C C6     . DT A 1 10 ? 0.175   9.093   -6.953  1.00 10.00 ? 10 DT A C6     1 
ATOM 307 H "H5'"  . DT A 1 10 ? -0.765  7.073   -11.600 1.00 10.00 ? 10 DT A "H5'"  1 
ATOM 308 H "H5''" . DT A 1 10 ? -0.638  8.536   -12.484 1.00 10.00 ? 10 DT A "H5''" 1 
ATOM 309 H "H4'"  . DT A 1 10 ? -2.302  8.694   -10.717 1.00 10.00 ? 10 DT A "H4'"  1 
ATOM 310 H "H3'"  . DT A 1 10 ? 0.001   10.513  -10.402 1.00 10.00 ? 10 DT A "H3'"  1 
ATOM 311 H "H2'"  . DT A 1 10 ? -0.890  11.102  -8.436  1.00 10.00 ? 10 DT A "H2'"  1 
ATOM 312 H "H2''" . DT A 1 10 ? -2.447  10.770  -9.195  1.00 10.00 ? 10 DT A "H2''" 1 
ATOM 313 H "H1'"  . DT A 1 10 ? -2.798  8.965   -8.273  1.00 10.00 ? 10 DT A "H1'"  1 
ATOM 314 H H3     . DT A 1 10 ? -1.694  7.885   -4.039  1.00 10.00 ? 10 DT A H3     1 
ATOM 315 H H71    . DT A 1 10 ? 2.700   9.170   -5.704  1.00 10.00 ? 10 DT A H71    1 
ATOM 316 H H72    . DT A 1 10 ? 2.699   9.133   -5.792  1.00 10.00 ? 10 DT A H72    1 
ATOM 317 H H73    . DT A 1 10 ? 2.660   9.231   -5.790  1.00 10.00 ? 10 DT A H73    1 
ATOM 318 H H6     . DT A 1 10 ? 0.559   9.395   -7.863  1.00 10.00 ? 10 DT A H6     1 
ATOM 319 P P      . DC A 1 11 ? -1.863  12.535  -11.310 1.00 10.00 ? 11 DC A P      1 
ATOM 320 O OP1    . DC A 1 11 ? -2.385  12.940  -12.584 1.00 10.00 ? 11 DC A OP1    1 
ATOM 321 O OP2    . DC A 1 11 ? -0.621  13.089  -10.822 1.00 10.00 ? 11 DC A OP2    1 
ATOM 322 O "O5'"  . DC A 1 11 ? -2.969  12.833  -10.222 1.00 10.00 ? 11 DC A "O5'"  1 
ATOM 323 C "C5'"  . DC A 1 11 ? -4.275  12.380  -10.374 1.00 10.00 ? 11 DC A "C5'"  1 
ATOM 324 C "C4'"  . DC A 1 11 ? -4.997  12.325  -9.065  1.00 10.00 ? 11 DC A "C4'"  1 
ATOM 325 O "O4'"  . DC A 1 11 ? -4.264  11.628  -8.103  1.00 10.00 ? 11 DC A "O4'"  1 
ATOM 326 C "C3'"  . DC A 1 11 ? -5.387  13.648  -8.482  1.00 10.00 ? 11 DC A "C3'"  1 
ATOM 327 O "O3'"  . DC A 1 11 ? -6.771  13.735  -8.426  1.00 10.00 ? 11 DC A "O3'"  1 
ATOM 328 C "C2'"  . DC A 1 11 ? -4.761  13.604  -7.126  1.00 10.00 ? 11 DC A "C2'"  1 
ATOM 329 C "C1'"  . DC A 1 11 ? -4.553  12.146  -6.857  1.00 10.00 ? 11 DC A "C1'"  1 
ATOM 330 N N1     . DC A 1 11 ? -3.429  11.969  -5.927  1.00 10.00 ? 11 DC A N1     1 
ATOM 331 C C2     . DC A 1 11 ? -3.611  11.534  -4.636  1.00 10.00 ? 11 DC A C2     1 
ATOM 332 O O2     . DC A 1 11 ? -4.716  11.352  -4.171  1.00 10.00 ? 11 DC A O2     1 
ATOM 333 N N3     . DC A 1 11 ? -2.523  11.329  -3.869  1.00 10.00 ? 11 DC A N3     1 
ATOM 334 C C4     . DC A 1 11 ? -1.310  11.556  -4.352  1.00 10.00 ? 11 DC A C4     1 
ATOM 335 N N4     . DC A 1 11 ? -0.276  11.368  -3.570  1.00 10.00 ? 11 DC A N4     1 
ATOM 336 C C5     . DC A 1 11 ? -1.106  12.016  -5.672  1.00 10.00 ? 11 DC A C5     1 
ATOM 337 C C6     . DC A 1 11 ? -2.200  12.236  -6.398  1.00 10.00 ? 11 DC A C6     1 
ATOM 338 H "H5'"  . DC A 1 11 ? -4.281  11.400  -10.782 1.00 10.00 ? 11 DC A "H5'"  1 
ATOM 339 H "H5''" . DC A 1 11 ? -4.779  13.012  -11.045 1.00 10.00 ? 11 DC A "H5''" 1 
ATOM 340 H "H4'"  . DC A 1 11 ? -5.860  11.739  -9.202  1.00 10.00 ? 11 DC A "H4'"  1 
ATOM 341 H "H3'"  . DC A 1 11 ? -4.999  14.455  -9.052  1.00 10.00 ? 11 DC A "H3'"  1 
ATOM 342 H "H2'"  . DC A 1 11 ? -3.839  14.157  -7.155  1.00 10.00 ? 11 DC A "H2'"  1 
ATOM 343 H "H2''" . DC A 1 11 ? -5.378  13.987  -6.369  1.00 10.00 ? 11 DC A "H2''" 1 
ATOM 344 H "H1'"  . DC A 1 11 ? -5.441  11.657  -6.520  1.00 10.00 ? 11 DC A "H1'"  1 
ATOM 345 H H41    . DC A 1 11 ? -0.420  11.032  -2.647  1.00 10.00 ? 11 DC A H41    1 
ATOM 346 H H42    . DC A 1 11 ? 0.635   11.549  -3.893  1.00 10.00 ? 11 DC A H42    1 
ATOM 347 H H5     . DC A 1 11 ? -0.155  12.160  -6.136  1.00 10.00 ? 11 DC A H5     1 
ATOM 348 H H6     . DC A 1 11 ? -2.187  12.632  -7.384  1.00 10.00 ? 11 DC A H6     1 
ATOM 349 P P      . DA A 1 12 ? -7.518  15.065  -8.023  1.00 10.00 ? 12 DA A P      1 
ATOM 350 O OP1    . DA A 1 12 ? -8.734  15.073  -8.734  1.00 10.00 ? 12 DA A OP1    1 
ATOM 351 O OP2    . DA A 1 12 ? -6.625  16.164  -8.119  1.00 10.00 ? 12 DA A OP2    1 
ATOM 352 O "O5'"  . DA A 1 12 ? -7.855  14.898  -6.519  1.00 10.00 ? 12 DA A "O5'"  1 
ATOM 353 C "C5'"  . DA A 1 12 ? -8.819  14.034  -6.093  1.00 10.00 ? 12 DA A "C5'"  1 
ATOM 354 C "C4'"  . DA A 1 12 ? -8.924  13.952  -4.607  1.00 10.00 ? 12 DA A "C4'"  1 
ATOM 355 O "O4'"  . DA A 1 12 ? -7.680  13.590  -4.046  1.00 10.00 ? 12 DA A "O4'"  1 
ATOM 356 C "C3'"  . DA A 1 12 ? -9.468  15.206  -3.933  1.00 10.00 ? 12 DA A "C3'"  1 
ATOM 357 O "O3'"  . DA A 1 12 ? -10.048 14.788  -2.732  1.00 10.00 ? 12 DA A "O3'"  1 
ATOM 358 C "C2'"  . DA A 1 12 ? -8.045  15.769  -3.692  1.00 10.00 ? 12 DA A "C2'"  1 
ATOM 359 C "C1'"  . DA A 1 12 ? -7.300  14.577  -3.144  1.00 10.00 ? 12 DA A "C1'"  1 
ATOM 360 N N9     . DA A 1 12 ? -5.839  14.701  -3.025  1.00 10.00 ? 12 DA A N9     1 
ATOM 361 C C8     . DA A 1 12 ? -4.946  15.098  -3.953  1.00 10.00 ? 12 DA A C8     1 
ATOM 362 N N7     . DA A 1 12 ? -3.705  14.908  -3.662  1.00 10.00 ? 12 DA A N7     1 
ATOM 363 C C5     . DA A 1 12 ? -3.780  14.398  -2.397  1.00 10.00 ? 12 DA A C5     1 
ATOM 364 C C6     . DA A 1 12 ? -2.803  13.991  -1.506  1.00 10.00 ? 12 DA A C6     1 
ATOM 365 N N6     . DA A 1 12 ? -1.530  13.949  -1.842  1.00 10.00 ? 12 DA A N6     1 
ATOM 366 N N1     . DA A 1 12 ? -3.165  13.630  -0.293  1.00 10.00 ? 12 DA A N1     1 
ATOM 367 C C2     . DA A 1 12 ? -4.449  13.653  0.016   1.00 10.00 ? 12 DA A C2     1 
ATOM 368 N N3     . DA A 1 12 ? -5.468  13.974  -0.746  1.00 10.00 ? 12 DA A N3     1 
ATOM 369 C C4     . DA A 1 12 ? -5.067  14.336  -1.968  1.00 10.00 ? 12 DA A C4     1 
ATOM 370 H "H5'"  . DA A 1 12 ? -8.605  13.065  -6.463  1.00 10.00 ? 12 DA A "H5'"  1 
ATOM 371 H "H5''" . DA A 1 12 ? -9.736  14.344  -6.474  1.00 10.00 ? 12 DA A "H5''" 1 
ATOM 372 H "H4'"  . DA A 1 12 ? -9.541  13.130  -4.402  1.00 10.00 ? 12 DA A "H4'"  1 
ATOM 373 H "H3'"  . DA A 1 12 ? -10.318 15.721  -4.452  1.00 10.00 ? 12 DA A "H3'"  1 
ATOM 374 H "H2'"  . DA A 1 12 ? -7.544  16.277  -4.476  1.00 10.00 ? 12 DA A "H2'"  1 
ATOM 375 H "H2''" . DA A 1 12 ? -7.871  16.461  -2.993  1.00 10.00 ? 12 DA A "H2''" 1 
ATOM 376 H "H1'"  . DA A 1 12 ? -7.660  14.406  -2.143  1.00 10.00 ? 12 DA A "H1'"  1 
ATOM 377 H H8     . DA A 1 12 ? -5.256  15.504  -4.858  1.00 10.00 ? 12 DA A H8     1 
ATOM 378 H H61    . DA A 1 12 ? -0.836  13.612  -1.227  1.00 10.00 ? 12 DA A H61    1 
ATOM 379 H H62    . DA A 1 12 ? -1.290  14.267  -2.725  1.00 10.00 ? 12 DA A H62    1 
ATOM 380 H H2     . DA A 1 12 ? -4.698  13.371  1.003   1.00 10.00 ? 12 DA A H2     1 
ATOM 381 P P      . DC A 1 13 ? -11.118 15.635  -1.933  1.00 10.00 ? 13 DC A P      1 
ATOM 382 O OP1    . DC A 1 13 ? -12.078 14.733  -1.362  1.00 10.00 ? 13 DC A OP1    1 
ATOM 383 O OP2    . DC A 1 13 ? -11.559 16.718  -2.761  1.00 10.00 ? 13 DC A OP2    1 
ATOM 384 O "O5'"  . DC A 1 13 ? -10.265 16.227  -0.772  1.00 10.00 ? 13 DC A "O5'"  1 
ATOM 385 C "C5'"  . DC A 1 13 ? -10.241 15.664  0.484   1.00 10.00 ? 13 DC A "C5'"  1 
ATOM 386 C "C4'"  . DC A 1 13 ? -9.291  16.423  1.359   1.00 10.00 ? 13 DC A "C4'"  1 
ATOM 387 O "O4'"  . DC A 1 13 ? -7.986  16.276  0.859   1.00 10.00 ? 13 DC A "O4'"  1 
ATOM 388 C "C3'"  . DC A 1 13 ? -9.623  17.902  1.422   1.00 10.00 ? 13 DC A "C3'"  1 
ATOM 389 O "O3'"  . DC A 1 13 ? -9.803  18.307  2.755   1.00 10.00 ? 13 DC A "O3'"  1 
ATOM 390 C "C2'"  . DC A 1 13 ? -8.399  18.527  0.822   1.00 10.00 ? 13 DC A "C2'"  1 
ATOM 391 C "C1'"  . DC A 1 13 ? -7.335  17.484  0.973   1.00 10.00 ? 13 DC A "C1'"  1 
ATOM 392 N N1     . DC A 1 13 ? -6.176  17.573  0.068   1.00 10.00 ? 13 DC A N1     1 
ATOM 393 C C2     . DC A 1 13 ? -4.936  17.252  0.564   1.00 10.00 ? 13 DC A C2     1 
ATOM 394 O O2     . DC A 1 13 ? -4.793  16.906  1.705   1.00 10.00 ? 13 DC A O2     1 
ATOM 395 N N3     . DC A 1 13 ? -3.845  17.327  -0.229  1.00 10.00 ? 13 DC A N3     1 
ATOM 396 C C4     . DC A 1 13 ? -3.972  17.724  -1.476  1.00 10.00 ? 13 DC A C4     1 
ATOM 397 N N4     . DC A 1 13 ? -2.889  17.738  -2.218  1.00 10.00 ? 13 DC A N4     1 
ATOM 398 C C5     . DC A 1 13 ? -5.238  18.062  -2.017  1.00 10.00 ? 13 DC A C5     1 
ATOM 399 C C6     . DC A 1 13 ? -6.308  17.946  -1.218  1.00 10.00 ? 13 DC A C6     1 
ATOM 400 H "H5'"  . DC A 1 13 ? -9.920  14.650  0.428   1.00 10.00 ? 13 DC A "H5'"  1 
ATOM 401 H "H5''" . DC A 1 13 ? -11.220 15.703  0.901   1.00 10.00 ? 13 DC A "H5''" 1 
ATOM 402 H "H4'"  . DC A 1 13 ? -9.321  16.002  2.340   1.00 10.00 ? 13 DC A "H4'"  1 
ATOM 403 H "H3'"  . DC A 1 13 ? -10.447 18.156  0.782   1.00 10.00 ? 13 DC A "H3'"  1 
ATOM 404 H "H2'"  . DC A 1 13 ? -8.548  18.777  -0.167  1.00 10.00 ? 13 DC A "H2'"  1 
ATOM 405 H "H2''" . DC A 1 13 ? -8.169  19.417  1.295   1.00 10.00 ? 13 DC A "H2''" 1 
ATOM 406 H "H1'"  . DC A 1 13 ? -7.046  17.682  1.960   1.00 10.00 ? 13 DC A "H1'"  1 
ATOM 407 H H41    . DC A 1 13 ? -2.028  17.463  -1.804  1.00 10.00 ? 13 DC A H41    1 
ATOM 408 H H42    . DC A 1 13 ? -2.940  17.900  -3.160  1.00 10.00 ? 13 DC A H42    1 
ATOM 409 H H5     . DC A 1 13 ? -5.410  18.421  -2.998  1.00 10.00 ? 13 DC A H5     1 
ATOM 410 H H6     . DC A 1 13 ? -7.273  18.141  -1.610  1.00 10.00 ? 13 DC A H6     1 
ATOM 411 P P      . DA A 1 14 ? -10.450 19.707  3.165   1.00 10.00 ? 14 DA A P      1 
ATOM 412 O OP1    . DA A 1 14 ? -10.603 19.732  4.604   1.00 10.00 ? 14 DA A OP1    1 
ATOM 413 O OP2    . DA A 1 14 ? -11.609 19.940  2.331   1.00 10.00 ? 14 DA A OP2    1 
ATOM 414 O "O5'"  . DA A 1 14 ? -9.351  20.780  2.774   1.00 10.00 ? 14 DA A "O5'"  1 
ATOM 415 C "C5'"  . DA A 1 14 ? -8.537  21.424  3.690   1.00 10.00 ? 14 DA A "C5'"  1 
ATOM 416 C "C4'"  . DA A 1 14 ? -7.539  20.532  4.408   1.00 10.00 ? 14 DA A "C4'"  1 
ATOM 417 O "O4'"  . DA A 1 14 ? -6.661  19.885  3.511   1.00 10.00 ? 14 DA A "O4'"  1 
ATOM 418 C "C3'"  . DA A 1 14 ? -6.648  21.378  5.269   1.00 10.00 ? 14 DA A "C3'"  1 
ATOM 419 O "O3'"  . DA A 1 14 ? -6.272  20.699  6.417   1.00 10.00 ? 14 DA A "O3'"  1 
ATOM 420 C "C2'"  . DA A 1 14 ? -5.435  21.613  4.416   1.00 10.00 ? 14 DA A "C2'"  1 
ATOM 421 C "C1'"  . DA A 1 14 ? -5.334  20.320  3.673   1.00 10.00 ? 14 DA A "C1'"  1 
ATOM 422 N N9     . DA A 1 14 ? -4.685  20.523  2.385   1.00 10.00 ? 14 DA A N9     1 
ATOM 423 C C8     . DA A 1 14 ? -5.199  21.134  1.295   1.00 10.00 ? 14 DA A C8     1 
ATOM 424 N N7     . DA A 1 14 ? -4.414  21.148  0.271   1.00 10.00 ? 14 DA A N7     1 
ATOM 425 C C5     . DA A 1 14 ? -3.275  20.527  0.737   1.00 10.00 ? 14 DA A C5     1 
ATOM 426 C C6     . DA A 1 14 ? -2.040  20.250  0.159   1.00 10.00 ? 14 DA A C6     1 
ATOM 427 N N6     . DA A 1 14 ? -1.779  20.533  -1.094  1.00 10.00 ? 14 DA A N6     1 
ATOM 428 N N1     . DA A 1 14 ? -1.082  19.711  0.899   1.00 10.00 ? 14 DA A N1     1 
ATOM 429 C C2     . DA A 1 14 ? -1.344  19.435  2.154   1.00 10.00 ? 14 DA A C2     1 
ATOM 430 N N3     . DA A 1 14 ? -2.467  19.627  2.814   1.00 10.00 ? 14 DA A N3     1 
ATOM 431 C C4     . DA A 1 14 ? -3.412  20.179  2.036   1.00 10.00 ? 14 DA A C4     1 
ATOM 432 H "H5'"  . DA A 1 14 ? -9.161  21.914  4.401   1.00 10.00 ? 14 DA A "H5'"  1 
ATOM 433 H "H5''" . DA A 1 14 ? -8.003  22.171  3.151   1.00 10.00 ? 14 DA A "H5''" 1 
ATOM 434 H "H4'"  . DA A 1 14 ? -8.101  19.840  5.006   1.00 10.00 ? 14 DA A "H4'"  1 
ATOM 435 H "H3'"  . DA A 1 14 ? -7.124  22.299  5.511   1.00 10.00 ? 14 DA A "H3'"  1 
ATOM 436 H "HO3'" . DA A 1 14 ? -6.349  20.786  6.899   1.00 10.00 ? 14 DA A "HO3'" 1 
ATOM 437 H "H2'"  . DA A 1 14 ? -5.641  22.416  3.741   1.00 10.00 ? 14 DA A "H2'"  1 
ATOM 438 H "H2''" . DA A 1 14 ? -4.540  21.806  4.964   1.00 10.00 ? 14 DA A "H2''" 1 
ATOM 439 H "H1'"  . DA A 1 14 ? -4.751  19.619  4.247   1.00 10.00 ? 14 DA A "H1'"  1 
ATOM 440 H H8     . DA A 1 14 ? -6.159  21.587  1.315   1.00 10.00 ? 14 DA A H8     1 
ATOM 441 H H61    . DA A 1 14 ? -0.947  20.217  -1.511  1.00 10.00 ? 14 DA A H61    1 
ATOM 442 H H62    . DA A 1 14 ? -2.499  20.936  -1.616  1.00 10.00 ? 14 DA A H62    1 
ATOM 443 H H2     . DA A 1 14 ? -0.540  19.016  2.707   1.00 10.00 ? 14 DA A H2     1 
ATOM 444 O "O5'"  . DT B 1 1  ? 8.261   20.387  -1.206  1.00 10.00 ? 15 DT B "O5'"  1 
ATOM 445 C "C5'"  . DT B 1 1  ? 8.126   19.219  -0.506  1.00 10.00 ? 15 DT B "C5'"  1 
ATOM 446 C "C4'"  . DT B 1 1  ? 7.155   19.385  0.602   1.00 10.00 ? 15 DT B "C4'"  1 
ATOM 447 O "O4'"  . DT B 1 1  ? 5.910   19.695  0.097   1.00 10.00 ? 15 DT B "O4'"  1 
ATOM 448 C "C3'"  . DT B 1 1  ? 7.023   18.126  1.438   1.00 10.00 ? 15 DT B "C3'"  1 
ATOM 449 O "O3'"  . DT B 1 1  ? 7.192   18.462  2.774   1.00 10.00 ? 15 DT B "O3'"  1 
ATOM 450 C "C2'"  . DT B 1 1  ? 5.596   17.698  1.136   1.00 10.00 ? 15 DT B "C2'"  1 
ATOM 451 C "C1'"  . DT B 1 1  ? 4.936   19.005  0.812   1.00 10.00 ? 15 DT B "C1'"  1 
ATOM 452 N N1     . DT B 1 1  ? 3.713   18.855  0.012   1.00 10.00 ? 15 DT B N1     1 
ATOM 453 C C2     . DT B 1 1  ? 2.492   19.168  0.574   1.00 10.00 ? 15 DT B C2     1 
ATOM 454 O O2     . DT B 1 1  ? 2.343   19.438  1.734   1.00 10.00 ? 15 DT B O2     1 
ATOM 455 N N3     . DT B 1 1  ? 1.420   19.204  -0.266  1.00 10.00 ? 15 DT B N3     1 
ATOM 456 C C4     . DT B 1 1  ? 1.437   18.909  -1.587  1.00 10.00 ? 15 DT B C4     1 
ATOM 457 O O4     . DT B 1 1  ? 0.433   19.074  -2.243  1.00 10.00 ? 15 DT B O4     1 
ATOM 458 C C5     . DT B 1 1  ? 2.713   18.465  -2.081  1.00 10.00 ? 15 DT B C5     1 
ATOM 459 C C7     . DT B 1 1  ? 2.852   18.032  -3.493  1.00 10.00 ? 15 DT B C7     1 
ATOM 460 C C6     . DT B 1 1  ? 3.791   18.460  -1.282  1.00 10.00 ? 15 DT B C6     1 
ATOM 461 H "H5'"  . DT B 1 1  ? 9.059   18.943  -0.126  1.00 10.00 ? 15 DT B "H5'"  1 
ATOM 462 H "H5''" . DT B 1 1  ? 7.801   18.485  -1.153  1.00 10.00 ? 15 DT B "H5''" 1 
ATOM 463 H "H4'"  . DT B 1 1  ? 7.479   20.182  1.199   1.00 10.00 ? 15 DT B "H4'"  1 
ATOM 464 H "H3'"  . DT B 1 1  ? 7.739   17.390  1.112   1.00 10.00 ? 15 DT B "H3'"  1 
ATOM 465 H "H2'"  . DT B 1 1  ? 5.609   17.059  0.277   1.00 10.00 ? 15 DT B "H2'"  1 
ATOM 466 H "H2''" . DT B 1 1  ? 5.097   17.219  1.955   1.00 10.00 ? 15 DT B "H2''" 1 
ATOM 467 H "H1'"  . DT B 1 1  ? 4.767   19.550  1.722   1.00 10.00 ? 15 DT B "H1'"  1 
ATOM 468 H H3     . DT B 1 1  ? 0.530   19.408  0.144   1.00 10.00 ? 15 DT B H3     1 
ATOM 469 H H71    . DT B 1 1  ? 2.891   17.884  -3.805  1.00 10.00 ? 15 DT B H71    1 
ATOM 470 H H72    . DT B 1 1  ? 2.833   17.931  -3.872  1.00 10.00 ? 15 DT B H72    1 
ATOM 471 H H73    . DT B 1 1  ? 2.907   17.959  -3.835  1.00 10.00 ? 15 DT B H73    1 
ATOM 472 H H6     . DT B 1 1  ? 4.743   18.152  -1.660  1.00 10.00 ? 15 DT B H6     1 
ATOM 473 H "HO5'" . DT B 1 1  ? 8.686   20.572  -1.336  1.00 10.00 ? 15 DT B "HO5'" 1 
ATOM 474 P P      . DG B 1 2  ? 7.572   17.406  3.889   1.00 10.00 ? 16 DG B P      1 
ATOM 475 O OP1    . DG B 1 2  ? 8.033   18.124  5.055   1.00 10.00 ? 16 DG B OP1    1 
ATOM 476 O OP2    . DG B 1 2  ? 8.422   16.415  3.278   1.00 10.00 ? 16 DG B OP2    1 
ATOM 477 O "O5'"  . DG B 1 2  ? 6.181   16.739  4.240   1.00 10.00 ? 16 DG B "O5'"  1 
ATOM 478 C "C5'"  . DG B 1 2  ? 5.436   17.103  5.323   1.00 10.00 ? 16 DG B "C5'"  1 
ATOM 479 C "C4'"  . DG B 1 2  ? 4.155   16.315  5.456   1.00 10.00 ? 16 DG B "C4'"  1 
ATOM 480 O "O4'"  . DG B 1 2  ? 3.239   16.629  4.462   1.00 10.00 ? 16 DG B "O4'"  1 
ATOM 481 C "C3'"  . DG B 1 2  ? 4.378   14.822  5.447   1.00 10.00 ? 16 DG B "C3'"  1 
ATOM 482 O "O3'"  . DG B 1 2  ? 4.100   14.342  6.727   1.00 10.00 ? 16 DG B "O3'"  1 
ATOM 483 C "C2'"  . DG B 1 2  ? 3.390   14.361  4.416   1.00 10.00 ? 16 DG B "C2'"  1 
ATOM 484 C "C1'"  . DG B 1 2  ? 2.460   15.507  4.188   1.00 10.00 ? 16 DG B "C1'"  1 
ATOM 485 N N9     . DG B 1 2  ? 1.986   15.582  2.815   1.00 10.00 ? 16 DG B N9     1 
ATOM 486 C C8     . DG B 1 2  ? 2.738   15.620  1.696   1.00 10.00 ? 16 DG B C8     1 
ATOM 487 N N7     . DG B 1 2  ? 2.072   15.876  0.621   1.00 10.00 ? 16 DG B N7     1 
ATOM 488 C C5     . DG B 1 2  ? 0.760   16.009  1.065   1.00 10.00 ? 16 DG B C5     1 
ATOM 489 C C6     . DG B 1 2  ? -0.444  16.322  0.376   1.00 10.00 ? 16 DG B C6     1 
ATOM 490 O O6     . DG B 1 2  ? -0.589  16.583  -0.798  1.00 10.00 ? 16 DG B O6     1 
ATOM 491 N N1     . DG B 1 2  ? -1.552  16.328  1.190   1.00 10.00 ? 16 DG B N1     1 
ATOM 492 C C2     . DG B 1 2  ? -1.516  16.061  2.520   1.00 10.00 ? 16 DG B C2     1 
ATOM 493 N N2     . DG B 1 2  ? -2.634  16.088  3.202   1.00 10.00 ? 16 DG B N2     1 
ATOM 494 N N3     . DG B 1 2  ? -0.399  15.800  3.178   1.00 10.00 ? 16 DG B N3     1 
ATOM 495 C C4     . DG B 1 2  ? 0.703   15.792  2.404   1.00 10.00 ? 16 DG B C4     1 
ATOM 496 H "H5'"  . DG B 1 2  ? 5.194   18.109  5.244   1.00 10.00 ? 16 DG B "H5'"  1 
ATOM 497 H "H5''" . DG B 1 2  ? 6.000   16.952  6.190   1.00 10.00 ? 16 DG B "H5''" 1 
ATOM 498 H "H4'"  . DG B 1 2  ? 3.687   16.598  6.372   1.00 10.00 ? 16 DG B "H4'"  1 
ATOM 499 H "H3'"  . DG B 1 2  ? 5.366   14.564  5.089   1.00 10.00 ? 16 DG B "H3'"  1 
ATOM 500 H "H2'"  . DG B 1 2  ? 3.894   14.094  3.525   1.00 10.00 ? 16 DG B "H2'"  1 
ATOM 501 H "H2''" . DG B 1 2  ? 2.854   13.532  4.764   1.00 10.00 ? 16 DG B "H2''" 1 
ATOM 502 H "H1'"  . DG B 1 2  ? 1.634   15.360  4.858   1.00 10.00 ? 16 DG B "H1'"  1 
ATOM 503 H H8     . DG B 1 2  ? 3.800   15.452  1.759   1.00 10.00 ? 16 DG B H8     1 
ATOM 504 H H1     . DG B 1 2  ? -2.426  16.581  0.751   1.00 10.00 ? 16 DG B H1     1 
ATOM 505 H H21    . DG B 1 2  ? -3.494  16.300  2.765   1.00 10.00 ? 16 DG B H21    1 
ATOM 506 H H22    . DG B 1 2  ? -2.598  15.858  4.148   1.00 10.00 ? 16 DG B H22    1 
ATOM 507 P P      . DT B 1 3  ? 3.967   12.810  7.118   1.00 10.00 ? 17 DT B P      1 
ATOM 508 O OP1    . DT B 1 3  ? 4.185   12.691  8.534   1.00 10.00 ? 17 DT B OP1    1 
ATOM 509 O OP2    . DT B 1 3  ? 4.774   12.046  6.195   1.00 10.00 ? 17 DT B OP2    1 
ATOM 510 O "O5'"  . DT B 1 3  ? 2.422   12.482  6.837   1.00 10.00 ? 17 DT B "O5'"  1 
ATOM 511 C "C5'"  . DT B 1 3  ? 1.396   13.098  7.547   1.00 10.00 ? 17 DT B "C5'"  1 
ATOM 512 C "C4'"  . DT B 1 3  ? 0.016   12.791  7.009   1.00 10.00 ? 17 DT B "C4'"  1 
ATOM 513 O "O4'"  . DT B 1 3  ? -0.134  13.212  5.686   1.00 10.00 ? 17 DT B "O4'"  1 
ATOM 514 C "C3'"  . DT B 1 3  ? -0.401  11.348  7.104   1.00 10.00 ? 17 DT B "C3'"  1 
ATOM 515 O "O3'"  . DT B 1 3  ? -1.512  11.276  7.977   1.00 10.00 ? 17 DT B "O3'"  1 
ATOM 516 C "C2'"  . DT B 1 3  ? -0.766  11.019  5.696   1.00 10.00 ? 17 DT B "C2'"  1 
ATOM 517 C "C1'"  . DT B 1 3  ? -0.963  12.317  5.016   1.00 10.00 ? 17 DT B "C1'"  1 
ATOM 518 N N1     . DT B 1 3  ? -0.618  12.313  3.599   1.00 10.00 ? 17 DT B N1     1 
ATOM 519 C C2     . DT B 1 3  ? -1.550  12.683  2.668   1.00 10.00 ? 17 DT B C2     1 
ATOM 520 O O2     . DT B 1 3  ? -2.717  12.891  2.920   1.00 10.00 ? 17 DT B O2     1 
ATOM 521 N N3     . DT B 1 3  ? -1.094  12.796  1.395   1.00 10.00 ? 17 DT B N3     1 
ATOM 522 C C4     . DT B 1 3  ? 0.184   12.557  0.970   1.00 10.00 ? 17 DT B C4     1 
ATOM 523 O O4     . DT B 1 3  ? 0.464   12.729  -0.188  1.00 10.00 ? 17 DT B O4     1 
ATOM 524 C C5     . DT B 1 3  ? 1.100   12.159  1.998   1.00 10.00 ? 17 DT B C5     1 
ATOM 525 C C7     . DT B 1 3  ? 2.523   11.820  1.658   1.00 10.00 ? 17 DT B C7     1 
ATOM 526 C C6     . DT B 1 3  ? 0.665   12.061  3.258   1.00 10.00 ? 17 DT B C6     1 
ATOM 527 H "H5'"  . DT B 1 3  ? 1.545   14.143  7.511   1.00 10.00 ? 17 DT B "H5'"  1 
ATOM 528 H "H5''" . DT B 1 3  ? 1.438   12.787  8.551   1.00 10.00 ? 17 DT B "H5''" 1 
ATOM 529 H "H4'"  . DT B 1 3  ? -0.678  13.384  7.568   1.00 10.00 ? 17 DT B "H4'"  1 
ATOM 530 H "H3'"  . DT B 1 3  ? 0.420   10.704  7.367   1.00 10.00 ? 17 DT B "H3'"  1 
ATOM 531 H "H2'"  . DT B 1 3  ? 0.036   10.531  5.233   1.00 10.00 ? 17 DT B "H2'"  1 
ATOM 532 H "H2''" . DT B 1 3  ? -1.627  10.404  5.652   1.00 10.00 ? 17 DT B "H2''" 1 
ATOM 533 H "H1'"  . DT B 1 3  ? -1.999  12.454  5.135   1.00 10.00 ? 17 DT B "H1'"  1 
ATOM 534 H H3     . DT B 1 3  ? -1.783  13.084  0.734   1.00 10.00 ? 17 DT B H3     1 
ATOM 535 H H71    . DT B 1 3  ? 2.640   11.247  1.179   1.00 10.00 ? 17 DT B H71    1 
ATOM 536 H H72    . DT B 1 3  ? 2.948   12.350  1.313   1.00 10.00 ? 17 DT B H72    1 
ATOM 537 H H73    . DT B 1 3  ? 3.024   11.614  2.205   1.00 10.00 ? 17 DT B H73    1 
ATOM 538 H H6     . DT B 1 3  ? 1.271   11.806  4.084   1.00 10.00 ? 17 DT B H6     1 
ATOM 539 P P      . DG B 1 4  ? -2.275  9.937   8.364   1.00 10.00 ? 18 DG B P      1 
ATOM 540 O OP1    . DG B 1 4  ? -3.065  10.197  9.556   1.00 10.00 ? 18 DG B OP1    1 
ATOM 541 O OP2    . DG B 1 4  ? -1.301  8.866   8.355   1.00 10.00 ? 18 DG B OP2    1 
ATOM 542 O "O5'"  . DG B 1 4  ? -3.291  9.703   7.160   1.00 10.00 ? 18 DG B "O5'"  1 
ATOM 543 C "C5'"  . DG B 1 4  ? -4.452  10.453  6.995   1.00 10.00 ? 18 DG B "C5'"  1 
ATOM 544 C "C4'"  . DG B 1 4  ? -5.175  10.142  5.700   1.00 10.00 ? 18 DG B "C4'"  1 
ATOM 545 O "O4'"  . DG B 1 4  ? -4.352  10.503  4.610   1.00 10.00 ? 18 DG B "O4'"  1 
ATOM 546 C "C3'"  . DG B 1 4  ? -5.435  8.663   5.531   1.00 10.00 ? 18 DG B "C3'"  1 
ATOM 547 O "O3'"  . DG B 1 4  ? -6.822  8.439   5.541   1.00 10.00 ? 18 DG B "O3'"  1 
ATOM 548 C "C2'"  . DG B 1 4  ? -4.765  8.293   4.245   1.00 10.00 ? 18 DG B "C2'"  1 
ATOM 549 C "C1'"  . DG B 1 4  ? -4.492  9.570   3.575   1.00 10.00 ? 18 DG B "C1'"  1 
ATOM 550 N N9     . DG B 1 4  ? -3.381  9.517   2.599   1.00 10.00 ? 18 DG B N9     1 
ATOM 551 C C8     . DG B 1 4  ? -2.115  9.019   2.729   1.00 10.00 ? 18 DG B C8     1 
ATOM 552 N N7     . DG B 1 4  ? -1.351  9.211   1.713   1.00 10.00 ? 18 DG B N7     1 
ATOM 553 C C5     . DG B 1 4  ? -2.188  9.791   0.799   1.00 10.00 ? 18 DG B C5     1 
ATOM 554 C C6     . DG B 1 4  ? -1.943  10.143  -0.537  1.00 10.00 ? 18 DG B C6     1 
ATOM 555 O O6     . DG B 1 4  ? -0.880  10.163  -1.116  1.00 10.00 ? 18 DG B O6     1 
ATOM 556 N N1     . DG B 1 4  ? -3.087  10.467  -1.221  1.00 10.00 ? 18 DG B N1     1 
ATOM 557 C C2     . DG B 1 4  ? -4.324  10.510  -0.669  1.00 10.00 ? 18 DG B C2     1 
ATOM 558 N N2     . DG B 1 4  ? -5.332  10.811  -1.450  1.00 10.00 ? 18 DG B N2     1 
ATOM 559 N N3     . DG B 1 4  ? -4.559  10.251  0.604   1.00 10.00 ? 18 DG B N3     1 
ATOM 560 C C4     . DG B 1 4  ? -3.453  9.890   1.292   1.00 10.00 ? 18 DG B C4     1 
ATOM 561 H "H5'"  . DG B 1 4  ? -4.200  11.484  7.009   1.00 10.00 ? 18 DG B "H5'"  1 
ATOM 562 H "H5''" . DG B 1 4  ? -5.122  10.252  7.796   1.00 10.00 ? 18 DG B "H5''" 1 
ATOM 563 H "H4'"  . DG B 1 4  ? -6.138  10.685  5.750   1.00 10.00 ? 18 DG B "H4'"  1 
ATOM 564 H "H3'"  . DG B 1 4  ? -4.903  8.110   6.264   1.00 10.00 ? 18 DG B "H3'"  1 
ATOM 565 H "H2'"  . DG B 1 4  ? -3.839  7.857   4.440   1.00 10.00 ? 18 DG B "H2'"  1 
ATOM 566 H "H2''" . DG B 1 4  ? -5.362  7.646   3.676   1.00 10.00 ? 18 DG B "H2''" 1 
ATOM 567 H "H1'"  . DG B 1 4  ? -5.383  9.749   3.059   1.00 10.00 ? 18 DG B "H1'"  1 
ATOM 568 H H8     . DG B 1 4  ? -1.748  8.479   3.567   1.00 10.00 ? 18 DG B H8     1 
ATOM 569 H H1     . DG B 1 4  ? -2.962  10.718  -2.185  1.00 10.00 ? 18 DG B H1     1 
ATOM 570 H H21    . DG B 1 4  ? -5.210  10.980  -2.417  1.00 10.00 ? 18 DG B H21    1 
ATOM 571 H H22    . DG B 1 4  ? -6.221  10.876  -1.051  1.00 10.00 ? 18 DG B H22    1 
ATOM 572 P P      . DA B 1 5  ? -7.494  7.004   5.593   1.00 10.00 ? 19 DA B P      1 
ATOM 573 O OP1    . DA B 1 5  ? -8.830  7.155   6.110   1.00 10.00 ? 19 DA B OP1    1 
ATOM 574 O OP2    . DA B 1 5  ? -6.571  6.112   6.228   1.00 10.00 ? 19 DA B OP2    1 
ATOM 575 O "O5'"  . DA B 1 5  ? -7.620  6.591   4.080   1.00 10.00 ? 19 DA B "O5'"  1 
ATOM 576 C "C5'"  . DA B 1 5  ? -8.631  7.084   3.261   1.00 10.00 ? 19 DA B "C5'"  1 
ATOM 577 C "C4'"  . DA B 1 5  ? -8.367  6.747   1.832   1.00 10.00 ? 19 DA B "C4'"  1 
ATOM 578 O "O4'"  . DA B 1 5  ? -7.120  7.235   1.430   1.00 10.00 ? 19 DA B "O4'"  1 
ATOM 579 C "C3'"  . DA B 1 5  ? -8.385  5.297   1.505   1.00 10.00 ? 19 DA B "C3'"  1 
ATOM 580 O "O3'"  . DA B 1 5  ? -9.680  4.876   1.142   1.00 10.00 ? 19 DA B "O3'"  1 
ATOM 581 C "C2'"  . DA B 1 5  ? -7.406  5.208   0.381   1.00 10.00 ? 19 DA B "C2'"  1 
ATOM 582 C "C1'"  . DA B 1 5  ? -6.780  6.547   0.291   1.00 10.00 ? 19 DA B "C1'"  1 
ATOM 583 N N9     . DA B 1 5  ? -5.316  6.508   0.173   1.00 10.00 ? 19 DA B N9     1 
ATOM 584 C C8     . DA B 1 5  ? -4.421  6.355   1.166   1.00 10.00 ? 19 DA B C8     1 
ATOM 585 N N7     . DA B 1 5  ? -3.184  6.486   0.811   1.00 10.00 ? 19 DA B N7     1 
ATOM 586 C C5     . DA B 1 5  ? -3.279  6.722   -0.529  1.00 10.00 ? 19 DA B C5     1 
ATOM 587 C C6     . DA B 1 5  ? -2.335  6.987   -1.512  1.00 10.00 ? 19 DA B C6     1 
ATOM 588 N N6     . DA B 1 5  ? -1.046  7.118   -1.260  1.00 10.00 ? 19 DA B N6     1 
ATOM 589 N N1     . DA B 1 5  ? -2.748  7.206   -2.746  1.00 10.00 ? 19 DA B N1     1 
ATOM 590 C C2     . DA B 1 5  ? -4.040  7.149   -2.996  1.00 10.00 ? 19 DA B C2     1 
ATOM 591 N N3     . DA B 1 5  ? -5.027  6.917   -2.172  1.00 10.00 ? 19 DA B N3     1 
ATOM 592 C C4     . DA B 1 5  ? -4.573  6.713   -0.937  1.00 10.00 ? 19 DA B C4     1 
ATOM 593 H "H5'"  . DA B 1 5  ? -8.664  8.134   3.359   1.00 10.00 ? 19 DA B "H5'"  1 
ATOM 594 H "H5''" . DA B 1 5  ? -9.573  6.677   3.543   1.00 10.00 ? 19 DA B "H5''" 1 
ATOM 595 H "H4'"  . DA B 1 5  ? -9.088  7.196   1.199   1.00 10.00 ? 19 DA B "H4'"  1 
ATOM 596 H "H3'"  . DA B 1 5  ? -7.983  4.776   2.325   1.00 10.00 ? 19 DA B "H3'"  1 
ATOM 597 H "H2'"  . DA B 1 5  ? -6.640  4.524   0.612   1.00 10.00 ? 19 DA B "H2'"  1 
ATOM 598 H "H2''" . DA B 1 5  ? -7.899  4.973   -0.538  1.00 10.00 ? 19 DA B "H2''" 1 
ATOM 599 H "H1'"  . DA B 1 5  ? -7.235  6.951   -0.554  1.00 10.00 ? 19 DA B "H1'"  1 
ATOM 600 H H8     . DA B 1 5  ? -4.770  6.168   2.147   1.00 10.00 ? 19 DA B H8     1 
ATOM 601 H H61    . DA B 1 5  ? -0.423  7.409   -1.962  1.00 10.00 ? 19 DA B H61    1 
ATOM 602 H H62    . DA B 1 5  ? -0.769  7.043   -0.337  1.00 10.00 ? 19 DA B H62    1 
ATOM 603 H H2     . DA B 1 5  ? -4.318  7.313   -3.996  1.00 10.00 ? 19 DA B H2     1 
ATOM 604 P P      . DG B 1 6  ? -10.078 3.354   0.950   1.00 10.00 ? 20 DG B P      1 
ATOM 605 O OP1    . DG B 1 6  ? -11.528 3.276   0.909   1.00 10.00 ? 20 DG B OP1    1 
ATOM 606 O OP2    . DG B 1 6  ? -9.335  2.581   1.916   1.00 10.00 ? 20 DG B OP2    1 
ATOM 607 O "O5'"  . DG B 1 6  ? -9.537  2.958   -0.490  1.00 10.00 ? 20 DG B "O5'"  1 
ATOM 608 C "C5'"  . DG B 1 6  ? -10.246 3.196   -1.665  1.00 10.00 ? 20 DG B "C5'"  1 
ATOM 609 C "C4'"  . DG B 1 6  ? -9.564  2.576   -2.868  1.00 10.00 ? 20 DG B "C4'"  1 
ATOM 610 O "O4'"  . DG B 1 6  ? -8.280  3.109   -3.034  1.00 10.00 ? 20 DG B "O4'"  1 
ATOM 611 C "C3'"  . DG B 1 6  ? -9.448  1.081   -2.800  1.00 10.00 ? 20 DG B "C3'"  1 
ATOM 612 O "O3'"  . DG B 1 6  ? -9.668  0.557   -4.090  1.00 10.00 ? 20 DG B "O3'"  1 
ATOM 613 C "C2'"  . DG B 1 6  ? -8.035  0.950   -2.345  1.00 10.00 ? 20 DG B "C2'"  1 
ATOM 614 C "C1'"  . DG B 1 6  ? -7.380  2.059   -3.107  1.00 10.00 ? 20 DG B "C1'"  1 
ATOM 615 N N9     . DG B 1 6  ? -6.093  2.497   -2.576  1.00 10.00 ? 20 DG B N9     1 
ATOM 616 C C8     . DG B 1 6  ? -5.813  2.829   -1.302  1.00 10.00 ? 20 DG B C8     1 
ATOM 617 N N7     . DG B 1 6  ? -4.616  3.277   -1.112  1.00 10.00 ? 20 DG B N7     1 
ATOM 618 C C5     . DG B 1 6  ? -4.058  3.251   -2.378  1.00 10.00 ? 20 DG B C5     1 
ATOM 619 C C6     . DG B 1 6  ? -2.765  3.614   -2.832  1.00 10.00 ? 20 DG B C6     1 
ATOM 620 O O6     . DG B 1 6  ? -1.835  4.049   -2.184  1.00 10.00 ? 20 DG B O6     1 
ATOM 621 N N1     . DG B 1 6  ? -2.600  3.432   -4.183  1.00 10.00 ? 20 DG B N1     1 
ATOM 622 C C2     . DG B 1 6  ? -3.565  2.948   -5.012  1.00 10.00 ? 20 DG B C2     1 
ATOM 623 N N2     . DG B 1 6  ? -3.277  2.770   -6.279  1.00 10.00 ? 20 DG B N2     1 
ATOM 624 N N3     . DG B 1 6  ? -4.776  2.609   -4.603  1.00 10.00 ? 20 DG B N3     1 
ATOM 625 C C4     . DG B 1 6  ? -4.965  2.785   -3.281  1.00 10.00 ? 20 DG B C4     1 
ATOM 626 H "H5'"  . DG B 1 6  ? -10.330 4.242   -1.802  1.00 10.00 ? 20 DG B "H5'"  1 
ATOM 627 H "H5''" . DG B 1 6  ? -11.222 2.782   -1.587  1.00 10.00 ? 20 DG B "H5''" 1 
ATOM 628 H "H4'"  . DG B 1 6  ? -10.102 2.801   -3.758  1.00 10.00 ? 20 DG B "H4'"  1 
ATOM 629 H "H3'"  . DG B 1 6  ? -10.100 0.664   -2.068  1.00 10.00 ? 20 DG B "H3'"  1 
ATOM 630 H "H2'"  . DG B 1 6  ? -8.039  1.154   -1.297  1.00 10.00 ? 20 DG B "H2'"  1 
ATOM 631 H "H2''" . DG B 1 6  ? -7.665  -0.018  -2.557  1.00 10.00 ? 20 DG B "H2''" 1 
ATOM 632 H "H1'"  . DG B 1 6  ? -7.272  1.701   -4.103  1.00 10.00 ? 20 DG B "H1'"  1 
ATOM 633 H H8     . DG B 1 6  ? -6.575  2.719   -0.558  1.00 10.00 ? 20 DG B H8     1 
ATOM 634 H H1     . DG B 1 6  ? -1.702  3.691   -4.558  1.00 10.00 ? 20 DG B H1     1 
ATOM 635 H H21    . DG B 1 6  ? -2.380  2.997   -6.633  1.00 10.00 ? 20 DG B H21    1 
ATOM 636 H H22    . DG B 1 6  ? -3.972  2.400   -6.871  1.00 10.00 ? 20 DG B H22    1 
ATOM 637 P P      . DC B 1 7  ? -9.675  -0.982  -4.436  1.00 10.00 ? 21 DC B P      1 
ATOM 638 O OP1    . DC B 1 7  ? -10.813 -1.240  -5.293  1.00 10.00 ? 21 DC B OP1    1 
ATOM 639 O OP2    . DC B 1 7  ? -9.510  -1.718  -3.206  1.00 10.00 ? 21 DC B OP2    1 
ATOM 640 O "O5'"  . DC B 1 7  ? -8.361  -1.173  -5.307  1.00 10.00 ? 21 DC B "O5'"  1 
ATOM 641 C "C5'"  . DC B 1 7  ? -8.320  -0.808  -6.643  1.00 10.00 ? 21 DC B "C5'"  1 
ATOM 642 C "C4'"  . DC B 1 7  ? -7.005  -1.139  -7.318  1.00 10.00 ? 21 DC B "C4'"  1 
ATOM 643 O "O4'"  . DC B 1 7  ? -5.949  -0.435  -6.730  1.00 10.00 ? 21 DC B "O4'"  1 
ATOM 644 C "C3'"  . DC B 1 7  ? -6.669  -2.605  -7.306  1.00 10.00 ? 21 DC B "C3'"  1 
ATOM 645 O "O3'"  . DC B 1 7  ? -6.407  -3.012  -8.607  1.00 10.00 ? 21 DC B "O3'"  1 
ATOM 646 C "C2'"  . DC B 1 7  ? -5.445  -2.666  -6.429  1.00 10.00 ? 21 DC B "C2'"  1 
ATOM 647 C "C1'"  . DC B 1 7  ? -4.866  -1.285  -6.508  1.00 10.00 ? 21 DC B "C1'"  1 
ATOM 648 N N1     . DC B 1 7  ? -4.198  -0.882  -5.256  1.00 10.00 ? 21 DC B N1     1 
ATOM 649 C C2     . DC B 1 7  ? -2.854  -0.577  -5.262  1.00 10.00 ? 21 DC B C2     1 
ATOM 650 O O2     . DC B 1 7  ? -2.176  -0.675  -6.267  1.00 10.00 ? 21 DC B O2     1 
ATOM 651 N N3     . DC B 1 7  ? -2.269  -0.138  -4.122  1.00 10.00 ? 21 DC B N3     1 
ATOM 652 C C4     . DC B 1 7  ? -2.978  -0.035  -3.008  1.00 10.00 ? 21 DC B C4     1 
ATOM 653 N N4     . DC B 1 7  ? -2.404  0.437   -1.928  1.00 10.00 ? 21 DC B N4     1 
ATOM 654 C C5     . DC B 1 7  ? -4.362  -0.316  -2.971  1.00 10.00 ? 21 DC B C5     1 
ATOM 655 C C6     . DC B 1 7  ? -4.927  -0.727  -4.118  1.00 10.00 ? 21 DC B C6     1 
ATOM 656 H "H5'"  . DC B 1 7  ? -8.481  0.232   -6.713  1.00 10.00 ? 21 DC B "H5'"  1 
ATOM 657 H "H5''" . DC B 1 7  ? -9.096  -1.304  -7.175  1.00 10.00 ? 21 DC B "H5''" 1 
ATOM 658 H "H4'"  . DC B 1 7  ? -7.087  -0.828  -8.337  1.00 10.00 ? 21 DC B "H4'"  1 
ATOM 659 H "H3'"  . DC B 1 7  ? -7.462  -3.165  -6.878  1.00 10.00 ? 21 DC B "H3'"  1 
ATOM 660 H "H2'"  . DC B 1 7  ? -5.693  -2.951  -5.417  1.00 10.00 ? 21 DC B "H2'"  1 
ATOM 661 H "H2''" . DC B 1 7  ? -4.743  -3.340  -6.861  1.00 10.00 ? 21 DC B "H2''" 1 
ATOM 662 H "H1'"  . DC B 1 7  ? -4.217  -1.274  -7.368  1.00 10.00 ? 21 DC B "H1'"  1 
ATOM 663 H H41    . DC B 1 7  ? -1.435  0.651   -1.943  1.00 10.00 ? 21 DC B H41    1 
ATOM 664 H H42    . DC B 1 7  ? -2.926  0.588   -1.116  1.00 10.00 ? 21 DC B H42    1 
ATOM 665 H H5     . DC B 1 7  ? -4.948  -0.170  -2.116  1.00 10.00 ? 21 DC B H5     1 
ATOM 666 H H6     . DC B 1 7  ? -5.976  -0.923  -4.159  1.00 10.00 ? 21 DC B H6     1 
ATOM 667 P P      . DG B 1 8  ? -6.156  -4.521  -9.019  1.00 10.00 ? 22 DG B P      1 
ATOM 668 O OP1    . DG B 1 8  ? -6.463  -4.639  -10.417 1.00 10.00 ? 22 DG B OP1    1 
ATOM 669 O OP2    . DG B 1 8  ? -6.817  -5.363  -8.066  1.00 10.00 ? 22 DG B OP2    1 
ATOM 670 O "O5'"  . DG B 1 8  ? -4.587  -4.728  -8.851  1.00 10.00 ? 22 DG B "O5'"  1 
ATOM 671 C "C5'"  . DG B 1 8  ? -3.681  -4.254  -9.788  1.00 10.00 ? 22 DG B "C5'"  1 
ATOM 672 C "C4'"  . DG B 1 8  ? -2.236  -4.416  -9.358  1.00 10.00 ? 22 DG B "C4'"  1 
ATOM 673 O "O4'"  . DG B 1 8  ? -1.988  -3.697  -8.184  1.00 10.00 ? 22 DG B "O4'"  1 
ATOM 674 C "C3'"  . DG B 1 8  ? -1.809  -5.853  -9.097  1.00 10.00 ? 22 DG B "C3'"  1 
ATOM 675 O "O3'"  . DG B 1 8  ? -0.588  -6.075  -9.741  1.00 10.00 ? 22 DG B "O3'"  1 
ATOM 676 C "C2'"  . DG B 1 8  ? -1.701  -5.882  -7.586  1.00 10.00 ? 22 DG B "C2'"  1 
ATOM 677 C "C1'"  . DG B 1 8  ? -1.186  -4.490  -7.365  1.00 10.00 ? 22 DG B "C1'"  1 
ATOM 678 N N9     . DG B 1 8  ? -1.243  -4.053  -5.972  1.00 10.00 ? 22 DG B N9     1 
ATOM 679 C C8     . DG B 1 8  ? -2.230  -4.279  -5.064  1.00 10.00 ? 22 DG B C8     1 
ATOM 680 N N7     . DG B 1 8  ? -2.042  -3.730  -3.915  1.00 10.00 ? 22 DG B N7     1 
ATOM 681 C C5     . DG B 1 8  ? -0.817  -3.111  -4.061  1.00 10.00 ? 22 DG B C5     1 
ATOM 682 C C6     . DG B 1 8  ? -0.058  -2.380  -3.129  1.00 10.00 ? 22 DG B C6     1 
ATOM 683 O O6     . DG B 1 8  ? -0.371  -2.068  -1.999  1.00 10.00 ? 22 DG B O6     1 
ATOM 684 N N1     . DG B 1 8  ? 1.178   -2.013  -3.616  1.00 10.00 ? 22 DG B N1     1 
ATOM 685 C C2     . DG B 1 8  ? 1.615   -2.279  -4.879  1.00 10.00 ? 22 DG B C2     1 
ATOM 686 N N2     . DG B 1 8  ? 2.818   -1.871  -5.222  1.00 10.00 ? 22 DG B N2     1 
ATOM 687 N N3     . DG B 1 8  ? 0.906   -2.941  -5.774  1.00 10.00 ? 22 DG B N3     1 
ATOM 688 C C4     . DG B 1 8  ? -0.304  -3.329  -5.307  1.00 10.00 ? 22 DG B C4     1 
ATOM 689 H "H5'"  . DG B 1 8  ? -3.854  -3.221  -9.952  1.00 10.00 ? 22 DG B "H5'"  1 
ATOM 690 H "H5''" . DG B 1 8  ? -3.827  -4.775  -10.699 1.00 10.00 ? 22 DG B "H5''" 1 
ATOM 691 H "H4'"  . DG B 1 8  ? -1.635  -4.007  -10.150 1.00 10.00 ? 22 DG B "H4'"  1 
ATOM 692 H "H3'"  . DG B 1 8  ? -2.548  -6.539  -9.435  1.00 10.00 ? 22 DG B "H3'"  1 
ATOM 693 H "H2'"  . DG B 1 8  ? -2.690  -6.005  -7.183  1.00 10.00 ? 22 DG B "H2'"  1 
ATOM 694 H "H2''" . DG B 1 8  ? -1.043  -6.633  -7.185  1.00 10.00 ? 22 DG B "H2''" 1 
ATOM 695 H "H1'"  . DG B 1 8  ? -0.183  -4.480  -7.732  1.00 10.00 ? 22 DG B "H1'"  1 
ATOM 696 H H8     . DG B 1 8  ? -3.085  -4.868  -5.292  1.00 10.00 ? 22 DG B H8     1 
ATOM 697 H H1     . DG B 1 8  ? 1.776   -1.522  -2.976  1.00 10.00 ? 22 DG B H1     1 
ATOM 698 H H21    . DG B 1 8  ? 3.386   -1.381  -4.586  1.00 10.00 ? 22 DG B H21    1 
ATOM 699 H H22    . DG B 1 8  ? 3.135   -2.052  -6.130  1.00 10.00 ? 22 DG B H22    1 
ATOM 700 P P      . DC B 1 9  ? 0.026   -7.510  -9.988  1.00 10.00 ? 23 DC B P      1 
ATOM 701 O OP1    . DC B 1 9  ? 0.367   -7.624  -11.391 1.00 10.00 ? 23 DC B OP1    1 
ATOM 702 O OP2    . DC B 1 9  ? -0.836  -8.492  -9.355  1.00 10.00 ? 23 DC B OP2    1 
ATOM 703 O "O5'"  . DC B 1 9  ? 1.366   -7.416  -9.162  1.00 10.00 ? 23 DC B "O5'"  1 
ATOM 704 C "C5'"  . DC B 1 9  ? 2.518   -6.820  -9.663  1.00 10.00 ? 23 DC B "C5'"  1 
ATOM 705 C "C4'"  . DC B 1 9  ? 3.489   -6.562  -8.536  1.00 10.00 ? 23 DC B "C4'"  1 
ATOM 706 O "O4'"  . DC B 1 9  ? 2.860   -5.795  -7.566  1.00 10.00 ? 23 DC B "O4'"  1 
ATOM 707 C "C3'"  . DC B 1 9  ? 3.953   -7.807  -7.850  1.00 10.00 ? 23 DC B "C3'"  1 
ATOM 708 O "O3'"  . DC B 1 9  ? 5.134   -8.274  -8.430  1.00 10.00 ? 23 DC B "O3'"  1 
ATOM 709 C "C2'"  . DC B 1 9  ? 4.123   -7.382  -6.420  1.00 10.00 ? 23 DC B "C2'"  1 
ATOM 710 C "C1'"  . DC B 1 9  ? 3.494   -6.031  -6.360  1.00 10.00 ? 23 DC B "C1'"  1 
ATOM 711 N N1     . DC B 1 9  ? 2.524   -5.944  -5.263  1.00 10.00 ? 23 DC B N1     1 
ATOM 712 C C2     . DC B 1 9  ? 2.883   -5.361  -4.085  1.00 10.00 ? 23 DC B C2     1 
ATOM 713 O O2     . DC B 1 9  ? 3.987   -4.893  -3.942  1.00 10.00 ? 23 DC B O2     1 
ATOM 714 N N3     . DC B 1 9  ? 1.991   -5.312  -3.069  1.00 10.00 ? 23 DC B N3     1 
ATOM 715 C C4     . DC B 1 9  ? 0.798   -5.862  -3.202  1.00 10.00 ? 23 DC B C4     1 
ATOM 716 N N4     . DC B 1 9  ? -0.056  -5.719  -2.219  1.00 10.00 ? 23 DC B N4     1 
ATOM 717 C C5     . DC B 1 9  ? 0.419   -6.514  -4.396  1.00 10.00 ? 23 DC B C5     1 
ATOM 718 C C6     . DC B 1 9  ? 1.311   -6.526  -5.392  1.00 10.00 ? 23 DC B C6     1 
ATOM 719 H "H5'"  . DC B 1 9  ? 2.266   -5.899  -10.112 1.00 10.00 ? 23 DC B "H5'"  1 
ATOM 720 H "H5''" . DC B 1 9  ? 2.971   -7.449  -10.393 1.00 10.00 ? 23 DC B "H5''" 1 
ATOM 721 H "H4'"  . DC B 1 9  ? 4.359   -6.034  -8.871  1.00 10.00 ? 23 DC B "H4'"  1 
ATOM 722 H "H3'"  . DC B 1 9  ? 3.147   -8.492  -7.882  1.00 10.00 ? 23 DC B "H3'"  1 
ATOM 723 H "H2'"  . DC B 1 9  ? 3.609   -8.041  -5.754  1.00 10.00 ? 23 DC B "H2'"  1 
ATOM 724 H "H2''" . DC B 1 9  ? 5.154   -7.312  -6.158  1.00 10.00 ? 23 DC B "H2''" 1 
ATOM 725 H "H1'"  . DC B 1 9  ? 4.302   -5.352  -6.329  1.00 10.00 ? 23 DC B "H1'"  1 
ATOM 726 H H41    . DC B 1 9  ? 0.205   -5.226  -1.407  1.00 10.00 ? 23 DC B H41    1 
ATOM 727 H H42    . DC B 1 9  ? -0.963  -6.006  -2.331  1.00 10.00 ? 23 DC B H42    1 
ATOM 728 H H5     . DC B 1 9  ? -0.503  -7.019  -4.568  1.00 10.00 ? 23 DC B H5     1 
ATOM 729 H H6     . DC B 1 9  ? 1.058   -6.998  -6.315  1.00 10.00 ? 23 DC B H6     1 
ATOM 730 P P      . DT B 1 10 ? 5.610   -9.778  -8.312  1.00 10.00 ? 24 DT B P      1 
ATOM 731 O OP1    . DT B 1 10 ? 6.787   -9.927  -9.114  1.00 10.00 ? 24 DT B OP1    1 
ATOM 732 O OP2    . DT B 1 10 ? 4.475   -10.635 -8.542  1.00 10.00 ? 24 DT B OP2    1 
ATOM 733 O "O5'"  . DT B 1 10 ? 6.039   -9.932  -6.808  1.00 10.00 ? 24 DT B "O5'"  1 
ATOM 734 C "C5'"  . DT B 1 10 ? 7.253   -9.464  -6.328  1.00 10.00 ? 24 DT B "C5'"  1 
ATOM 735 C "C4'"  . DT B 1 10 ? 7.274   -9.589  -4.828  1.00 10.00 ? 24 DT B "C4'"  1 
ATOM 736 O "O4'"  . DT B 1 10 ? 6.240   -8.886  -4.229  1.00 10.00 ? 24 DT B "O4'"  1 
ATOM 737 C "C3'"  . DT B 1 10 ? 7.315   -10.996 -4.306  1.00 10.00 ? 24 DT B "C3'"  1 
ATOM 738 O "O3'"  . DT B 1 10 ? 8.641   -11.468 -4.272  1.00 10.00 ? 24 DT B "O3'"  1 
ATOM 739 C "C2'"  . DT B 1 10 ? 6.729   -10.717 -2.962  1.00 10.00 ? 24 DT B "C2'"  1 
ATOM 740 C "C1'"  . DT B 1 10 ? 6.191   -9.306  -2.902  1.00 10.00 ? 24 DT B "C1'"  1 
ATOM 741 N N1     . DT B 1 10 ? 4.817   -9.187  -2.435  1.00 10.00 ? 24 DT B N1     1 
ATOM 742 C C2     . DT B 1 10 ? 4.475   -8.279  -1.471  1.00 10.00 ? 24 DT B C2     1 
ATOM 743 O O2     . DT B 1 10 ? 5.283   -7.625  -0.849  1.00 10.00 ? 24 DT B O2     1 
ATOM 744 N N3     . DT B 1 10 ? 3.137   -8.136  -1.242  1.00 10.00 ? 24 DT B N3     1 
ATOM 745 C C4     . DT B 1 10 ? 2.131   -8.813  -1.875  1.00 10.00 ? 24 DT B C4     1 
ATOM 746 O O4     . DT B 1 10 ? 0.980   -8.621  -1.548  1.00 10.00 ? 24 DT B O4     1 
ATOM 747 C C5     . DT B 1 10 ? 2.579   -9.729  -2.894  1.00 10.00 ? 24 DT B C5     1 
ATOM 748 C C7     . DT B 1 10 ? 1.584   -10.511 -3.701  1.00 10.00 ? 24 DT B C7     1 
ATOM 749 C C6     . DT B 1 10 ? 3.889   -9.871  -3.117  1.00 10.00 ? 24 DT B C6     1 
ATOM 750 H "H5'"  . DT B 1 10 ? 7.388   -8.440  -6.577  1.00 10.00 ? 24 DT B "H5'"  1 
ATOM 751 H "H5''" . DT B 1 10 ? 8.046   -10.041 -6.738  1.00 10.00 ? 24 DT B "H5''" 1 
ATOM 752 H "H4'"  . DT B 1 10 ? 8.123   -9.158  -4.365  1.00 10.00 ? 24 DT B "H4'"  1 
ATOM 753 H "H3'"  . DT B 1 10 ? 6.687   -11.676 -4.842  1.00 10.00 ? 24 DT B "H3'"  1 
ATOM 754 H "H2'"  . DT B 1 10 ? 6.073   -11.508 -2.667  1.00 10.00 ? 24 DT B "H2'"  1 
ATOM 755 H "H2''" . DT B 1 10 ? 7.605   -10.667 -2.382  1.00 10.00 ? 24 DT B "H2''" 1 
ATOM 756 H "H1'"  . DT B 1 10 ? 6.850   -8.753  -2.261  1.00 10.00 ? 24 DT B "H1'"  1 
ATOM 757 H H3     . DT B 1 10 ? 2.887   -7.569  -0.459  1.00 10.00 ? 24 DT B H3     1 
ATOM 758 H H71    . DT B 1 10 ? 1.337   -10.712 -3.908  1.00 10.00 ? 24 DT B H71    1 
ATOM 759 H H72    . DT B 1 10 ? 1.335   -10.702 -3.888  1.00 10.00 ? 24 DT B H72    1 
ATOM 760 H H73    . DT B 1 10 ? 1.340   -10.690 -3.901  1.00 10.00 ? 24 DT B H73    1 
ATOM 761 H H6     . DT B 1 10 ? 4.347   -10.494 -3.848  1.00 10.00 ? 24 DT B H6     1 
ATOM 762 P P      . DC B 1 11 ? 9.097   -12.774 -3.467  1.00 10.00 ? 25 DC B P      1 
ATOM 763 O OP1    . DC B 1 11 ? 10.407  -13.159 -3.947  1.00 10.00 ? 25 DC B OP1    1 
ATOM 764 O OP2    . DC B 1 11 ? 8.004   -13.728 -3.494  1.00 10.00 ? 25 DC B OP2    1 
ATOM 765 O "O5'"  . DC B 1 11 ? 9.264   -12.258 -1.964  1.00 10.00 ? 25 DC B "O5'"  1 
ATOM 766 C "C5'"  . DC B 1 11 ? 10.151  -11.231 -1.628  1.00 10.00 ? 25 DC B "C5'"  1 
ATOM 767 C "C4'"  . DC B 1 11 ? 9.811   -10.611 -0.284  1.00 10.00 ? 25 DC B "C4'"  1 
ATOM 768 O "O4'"  . DC B 1 11 ? 8.477   -10.174 -0.281  1.00 10.00 ? 25 DC B "O4'"  1 
ATOM 769 C "C3'"  . DC B 1 11 ? 10.012  -11.557 0.880   1.00 10.00 ? 25 DC B "C3'"  1 
ATOM 770 O "O3'"  . DC B 1 11 ? 10.774  -10.939 1.877   1.00 10.00 ? 25 DC B "O3'"  1 
ATOM 771 C "C2'"  . DC B 1 11 ? 8.600   -11.778 1.329   1.00 10.00 ? 25 DC B "C2'"  1 
ATOM 772 C "C1'"  . DC B 1 11 ? 7.877   -10.528 0.923   1.00 10.00 ? 25 DC B "C1'"  1 
ATOM 773 N N1     . DC B 1 11 ? 6.444   -10.808 0.788   1.00 10.00 ? 25 DC B N1     1 
ATOM 774 C C2     . DC B 1 11 ? 5.499   -10.146 1.525   1.00 10.00 ? 25 DC B C2     1 
ATOM 775 O O2     . DC B 1 11 ? 5.800   -9.435  2.462   1.00 10.00 ? 25 DC B O2     1 
ATOM 776 N N3     . DC B 1 11 ? 4.194   -10.329 1.210   1.00 10.00 ? 25 DC B N3     1 
ATOM 777 C C4     . DC B 1 11 ? 3.845   -11.157 0.237   1.00 10.00 ? 25 DC B C4     1 
ATOM 778 N N4     . DC B 1 11 ? 2.574   -11.282 -0.065  1.00 10.00 ? 25 DC B N4     1 
ATOM 779 C C5     . DC B 1 11 ? 4.794   -11.954 -0.427  1.00 10.00 ? 25 DC B C5     1 
ATOM 780 C C6     . DC B 1 11 ? 6.071   -11.758 -0.077  1.00 10.00 ? 25 DC B C6     1 
ATOM 781 H "H5'"  . DC B 1 11 ? 10.100  -10.459 -2.364  1.00 10.00 ? 25 DC B "H5'"  1 
ATOM 782 H "H5''" . DC B 1 11 ? 11.147  -11.604 -1.605  1.00 10.00 ? 25 DC B "H5''" 1 
ATOM 783 H "H4'"  . DC B 1 11 ? 10.436  -9.750  -0.147  1.00 10.00 ? 25 DC B "H4'"  1 
ATOM 784 H "H3'"  . DC B 1 11 ? 10.465  -12.466 0.538   1.00 10.00 ? 25 DC B "H3'"  1 
ATOM 785 H "H2'"  . DC B 1 11 ? 8.272   -12.708 0.917   1.00 10.00 ? 25 DC B "H2'"  1 
ATOM 786 H "H2''" . DC B 1 11 ? 8.414   -11.860 2.349   1.00 10.00 ? 25 DC B "H2''" 1 
ATOM 787 H "H1'"  . DC B 1 11 ? 8.066   -9.731  1.616   1.00 10.00 ? 25 DC B "H1'"  1 
ATOM 788 H H41    . DC B 1 11 ? 1.910   -10.768 0.451   1.00 10.00 ? 25 DC B H41    1 
ATOM 789 H H42    . DC B 1 11 ? 2.278   -11.919 -0.746  1.00 10.00 ? 25 DC B H42    1 
ATOM 790 H H5     . DC B 1 11 ? 4.575   -12.626 -1.225  1.00 10.00 ? 25 DC B H5     1 
ATOM 791 H H6     . DC B 1 11 ? 6.874   -12.345 -0.432  1.00 10.00 ? 25 DC B H6     1 
ATOM 792 P P      . DA B 1 12 ? 11.460  -11.736 3.050   1.00 10.00 ? 26 DA B P      1 
ATOM 793 O OP1    . DA B 1 12 ? 12.455  -10.898 3.664   1.00 10.00 ? 26 DA B OP1    1 
ATOM 794 O OP2    . DA B 1 12 ? 11.823  -13.011 2.529   1.00 10.00 ? 26 DA B OP2    1 
ATOM 795 O "O5'"  . DA B 1 12 ? 10.320  -11.941 4.094   1.00 10.00 ? 26 DA B "O5'"  1 
ATOM 796 C "C5'"  . DA B 1 12 ? 10.061  -11.014 5.067   1.00 10.00 ? 26 DA B "C5'"  1 
ATOM 797 C "C4'"  . DA B 1 12 ? 9.046   -11.494 6.058   1.00 10.00 ? 26 DA B "C4'"  1 
ATOM 798 O "O4'"  . DA B 1 12 ? 7.745   -11.438 5.540   1.00 10.00 ? 26 DA B "O4'"  1 
ATOM 799 C "C3'"  . DA B 1 12 ? 9.312   -12.889 6.550   1.00 10.00 ? 26 DA B "C3'"  1 
ATOM 800 O "O3'"  . DA B 1 12 ? 9.264   -12.892 7.946   1.00 10.00 ? 26 DA B "O3'"  1 
ATOM 801 C "C2'"  . DA B 1 12 ? 8.168   -13.636 5.928   1.00 10.00 ? 26 DA B "C2'"  1 
ATOM 802 C "C1'"  . DA B 1 12 ? 7.082   -12.627 5.827   1.00 10.00 ? 26 DA B "C1'"  1 
ATOM 803 N N9     . DA B 1 12 ? 6.169   -12.959 4.749   1.00 10.00 ? 26 DA B N9     1 
ATOM 804 C C8     . DA B 1 12 ? 6.523   -13.327 3.517   1.00 10.00 ? 26 DA B C8     1 
ATOM 805 N N7     . DA B 1 12 ? 5.544   -13.482 2.691   1.00 10.00 ? 26 DA B N7     1 
ATOM 806 C C5     . DA B 1 12 ? 4.445   -13.222 3.469   1.00 10.00 ? 26 DA B C5     1 
ATOM 807 C C6     . DA B 1 12 ? 3.079   -13.222 3.222   1.00 10.00 ? 26 DA B C6     1 
ATOM 808 N N6     . DA B 1 12 ? 2.577   -13.480 2.034   1.00 10.00 ? 26 DA B N6     1 
ATOM 809 N N1     . DA B 1 12 ? 2.247   -12.985 4.220   1.00 10.00 ? 26 DA B N1     1 
ATOM 810 C C2     . DA B 1 12 ? 2.751   -12.763 5.419   1.00 10.00 ? 26 DA B C2     1 
ATOM 811 N N3     . DA B 1 12 ? 4.010   -12.706 5.769   1.00 10.00 ? 26 DA B N3     1 
ATOM 812 C C4     . DA B 1 12 ? 4.819   -12.941 4.740   1.00 10.00 ? 26 DA B C4     1 
ATOM 813 H "H5'"  . DA B 1 12 ? 9.723   -10.125 4.628   1.00 10.00 ? 26 DA B "H5'"  1 
ATOM 814 H "H5''" . DA B 1 12 ? 10.954  -10.821 5.594   1.00 10.00 ? 26 DA B "H5''" 1 
ATOM 815 H "H4'"  . DA B 1 12 ? 9.088   -10.819 6.882   1.00 10.00 ? 26 DA B "H4'"  1 
ATOM 816 H "H3'"  . DA B 1 12 ? 10.240  -13.260 6.191   1.00 10.00 ? 26 DA B "H3'"  1 
ATOM 817 H "H2'"  . DA B 1 12 ? 8.439   -14.187 5.070   1.00 10.00 ? 26 DA B "H2'"  1 
ATOM 818 H "H2''" . DA B 1 12 ? 7.792   -14.410 6.465   1.00 10.00 ? 26 DA B "H2''" 1 
ATOM 819 H "H1'"  . DA B 1 12 ? 6.546   -12.636 6.761   1.00 10.00 ? 26 DA B "H1'"  1 
ATOM 820 H H8     . DA B 1 12 ? 7.565   -13.459 3.351   1.00 10.00 ? 26 DA B H8     1 
ATOM 821 H H61    . DA B 1 12 ? 1.606   -13.488 1.920   1.00 10.00 ? 26 DA B H61    1 
ATOM 822 H H62    . DA B 1 12 ? 3.171   -13.722 1.311   1.00 10.00 ? 26 DA B H62    1 
ATOM 823 H H2     . DA B 1 12 ? 2.080   -12.568 6.210   1.00 10.00 ? 26 DA B H2     1 
ATOM 824 P P      . DC B 1 13 ? 9.497   -14.177 8.821   1.00 10.00 ? 27 DC B P      1 
ATOM 825 O OP1    . DC B 1 13 ? 10.002  -13.764 10.110  1.00 10.00 ? 27 DC B OP1    1 
ATOM 826 O OP2    . DC B 1 13 ? 10.221  -15.124 8.031   1.00 10.00 ? 27 DC B OP2    1 
ATOM 827 O "O5'"  . DC B 1 13 ? 8.033   -14.725 9.021   1.00 10.00 ? 27 DC B "O5'"  1 
ATOM 828 C "C5'"  . DC B 1 13 ? 7.147   -14.096 9.868   1.00 10.00 ? 27 DC B "C5'"  1 
ATOM 829 C "C4'"  . DC B 1 13 ? 5.829   -14.817 9.902   1.00 10.00 ? 27 DC B "C4'"  1 
ATOM 830 O "O4'"  . DC B 1 13 ? 5.207   -14.791 8.643   1.00 10.00 ? 27 DC B "O4'"  1 
ATOM 831 C "C3'"  . DC B 1 13 ? 5.955   -16.251 10.328  1.00 10.00 ? 27 DC B "C3'"  1 
ATOM 832 O "O3'"  . DC B 1 13 ? 5.088   -16.474 11.401  1.00 10.00 ? 27 DC B "O3'"  1 
ATOM 833 C "C2'"  . DC B 1 13 ? 5.602   -16.977 9.061   1.00 10.00 ? 27 DC B "C2'"  1 
ATOM 834 C "C1'"  . DC B 1 13 ? 4.686   -16.045 8.365   1.00 10.00 ? 27 DC B "C1'"  1 
ATOM 835 N N1     . DC B 1 13 ? 4.537   -16.250 6.911   1.00 10.00 ? 27 DC B N1     1 
ATOM 836 C C2     . DC B 1 13 ? 3.297   -16.184 6.334   1.00 10.00 ? 27 DC B C2     1 
ATOM 837 O O2     . DC B 1 13 ? 2.313   -16.052 6.997   1.00 10.00 ? 27 DC B O2     1 
ATOM 838 N N3     . DC B 1 13 ? 3.162   -16.270 4.996   1.00 10.00 ? 27 DC B N3     1 
ATOM 839 C C4     . DC B 1 13 ? 4.223   -16.413 4.246   1.00 10.00 ? 27 DC B C4     1 
ATOM 840 N N4     . DC B 1 13 ? 4.052   -16.425 2.955   1.00 10.00 ? 27 DC B N4     1 
ATOM 841 C C5     . DC B 1 13 ? 5.518   -16.478 4.798   1.00 10.00 ? 27 DC B C5     1 
ATOM 842 C C6     . DC B 1 13 ? 5.617   -16.385 6.126   1.00 10.00 ? 27 DC B C6     1 
ATOM 843 H "H5'"  . DC B 1 13 ? 7.004   -13.107 9.520   1.00 10.00 ? 27 DC B "H5'"  1 
ATOM 844 H "H5''" . DC B 1 13 ? 7.529   -14.062 10.865  1.00 10.00 ? 27 DC B "H5''" 1 
ATOM 845 H "H4'"  . DC B 1 13 ? 5.206   -14.313 10.596  1.00 10.00 ? 27 DC B "H4'"  1 
ATOM 846 H "H3'"  . DC B 1 13 ? 6.961   -16.499 10.554  1.00 10.00 ? 27 DC B "H3'"  1 
ATOM 847 H "H2'"  . DC B 1 13 ? 6.455   -17.109 8.502   1.00 10.00 ? 27 DC B "H2'"  1 
ATOM 848 H "H2''" . DC B 1 13 ? 5.204   -17.924 9.238   1.00 10.00 ? 27 DC B "H2''" 1 
ATOM 849 H "H1'"  . DC B 1 13 ? 3.817   -16.257 8.902   1.00 10.00 ? 27 DC B "H1'"  1 
ATOM 850 H H41    . DC B 1 13 ? 3.135   -16.373 2.571   1.00 10.00 ? 27 DC B H41    1 
ATOM 851 H H42    . DC B 1 13 ? 4.822   -16.407 2.371   1.00 10.00 ? 27 DC B H42    1 
ATOM 852 H H5     . DC B 1 13 ? 6.412   -16.618 4.249   1.00 10.00 ? 27 DC B H5     1 
ATOM 853 H H6     . DC B 1 13 ? 6.574   -16.419 6.586   1.00 10.00 ? 27 DC B H6     1 
ATOM 854 P P      . DA B 1 14 ? 4.647   -17.893 11.911  1.00 10.00 ? 28 DA B P      1 
ATOM 855 O OP1    . DA B 1 14 ? 4.222   -17.765 13.278  1.00 10.00 ? 28 DA B OP1    1 
ATOM 856 O OP2    . DA B 1 14 ? 5.634   -18.856 11.560  1.00 10.00 ? 28 DA B OP2    1 
ATOM 857 O "O5'"  . DA B 1 14 ? 3.377   -18.172 11.027  1.00 10.00 ? 28 DA B "O5'"  1 
ATOM 858 C "C5'"  . DA B 1 14 ? 2.872   -19.430 10.821  1.00 10.00 ? 28 DA B "C5'"  1 
ATOM 859 C "C4'"  . DA B 1 14 ? 1.500   -19.346 10.228  1.00 10.00 ? 28 DA B "C4'"  1 
ATOM 860 O "O4'"  . DA B 1 14 ? 1.531   -18.785 8.946   1.00 10.00 ? 28 DA B "O4'"  1 
ATOM 861 C "C3'"  . DA B 1 14 ? 0.882   -20.694 10.058  1.00 10.00 ? 28 DA B "C3'"  1 
ATOM 862 O "O3'"  . DA B 1 14 ? -0.468  -20.644 10.279  1.00 10.00 ? 28 DA B "O3'"  1 
ATOM 863 C "C2'"  . DA B 1 14 ? 1.115   -21.032 8.615   1.00 10.00 ? 28 DA B "C2'"  1 
ATOM 864 C "C1'"  . DA B 1 14 ? 1.104   -19.685 7.966   1.00 10.00 ? 28 DA B "C1'"  1 
ATOM 865 N N9     . DA B 1 14 ? 1.981   -19.644 6.817   1.00 10.00 ? 28 DA B N9     1 
ATOM 866 C C8     . DA B 1 14 ? 3.320   -19.695 6.809   1.00 10.00 ? 28 DA B C8     1 
ATOM 867 N N7     . DA B 1 14 ? 3.834   -19.637 5.642   1.00 10.00 ? 28 DA B N7     1 
ATOM 868 C C5     . DA B 1 14 ? 2.747   -19.556 4.815   1.00 10.00 ? 28 DA B C5     1 
ATOM 869 C C6     . DA B 1 14 ? 2.601   -19.487 3.442   1.00 10.00 ? 28 DA B C6     1 
ATOM 870 N N6     . DA B 1 14 ? 3.623   -19.460 2.645   1.00 10.00 ? 28 DA B N6     1 
ATOM 871 N N1     . DA B 1 14 ? 1.394   -19.474 2.912   1.00 10.00 ? 28 DA B N1     1 
ATOM 872 C C2     . DA B 1 14 ? 0.372   -19.514 3.707   1.00 10.00 ? 28 DA B C2     1 
ATOM 873 N N3     . DA B 1 14 ? 0.370   -19.565 5.010   1.00 10.00 ? 28 DA B N3     1 
ATOM 874 C C4     . DA B 1 14 ? 1.609   -19.578 5.515   1.00 10.00 ? 28 DA B C4     1 
ATOM 875 H "H5'"  . DA B 1 14 ? 2.818   -19.912 11.761  1.00 10.00 ? 28 DA B "H5'"  1 
ATOM 876 H "H5''" . DA B 1 14 ? 3.512   -19.975 10.187  1.00 10.00 ? 28 DA B "H5''" 1 
ATOM 877 H "H4'"  . DA B 1 14 ? 0.943   -18.749 10.904  1.00 10.00 ? 28 DA B "H4'"  1 
ATOM 878 H "H3'"  . DA B 1 14 ? 1.333   -21.381 10.720  1.00 10.00 ? 28 DA B "H3'"  1 
ATOM 879 H "HO3'" . DA B 1 14 ? -0.714  -20.752 10.769  1.00 10.00 ? 28 DA B "HO3'" 1 
ATOM 880 H "H2'"  . DA B 1 14 ? 2.078   -21.457 8.521   1.00 10.00 ? 28 DA B "H2'"  1 
ATOM 881 H "H2''" . DA B 1 14 ? 0.375   -21.681 8.185   1.00 10.00 ? 28 DA B "H2''" 1 
ATOM 882 H "H1'"  . DA B 1 14 ? 0.118   -19.451 7.647   1.00 10.00 ? 28 DA B "H1'"  1 
ATOM 883 H H8     . DA B 1 14 ? 3.886   -19.790 7.691   1.00 10.00 ? 28 DA B H8     1 
ATOM 884 H H61    . DA B 1 14 ? 3.488   -19.297 1.697   1.00 10.00 ? 28 DA B H61    1 
ATOM 885 H H62    . DA B 1 14 ? 4.510   -19.473 3.054   1.00 10.00 ? 28 DA B H62    1 
ATOM 886 H H2     . DA B 1 14 ? -0.580  -19.505 3.242   1.00 10.00 ? 28 DA B H2     1 
# 
